data_8QKB
#
_entry.id   8QKB
#
_cell.length_a   56.990
_cell.length_b   62.440
_cell.length_c   67.750
_cell.angle_alpha   105.407
_cell.angle_beta   93.650
_cell.angle_gamma   115.528
#
_symmetry.space_group_name_H-M   'P 1'
#
loop_
_entity.id
_entity.type
_entity.pdbx_description
1 polymer 'Cathepsin L'
2 non-polymer NALPHA-[(4-METHYLPIPERAZIN-1-YL)CARBONYL]-N-{(1S)-3-PHENYL-1-[2-(PHENYLSULFONYL)ETHYL]PROPYL}-L-PHENYLALANINAMIDE
3 non-polymer 'TETRAETHYLENE GLYCOL'
4 non-polymer 1,2-ETHANEDIOL
5 non-polymer DI(HYDROXYETHYL)ETHER
6 non-polymer 'DIMETHYL SULFOXIDE'
7 non-polymer 'TRIETHYLENE GLYCOL'
8 water water
#
_entity_poly.entity_id   1
_entity_poly.type   'polypeptide(L)'
_entity_poly.pdbx_seq_one_letter_code
;APRSVDWREKGYVTPVKNQGQCGSCWAFSATGALEGQMFRKTGRLISLSEQNLVDCSGPQGNEGCNGGLMDYAFQYVQDN
GGLDSEESYPYEATEESCKYNPKYSVANDAGFVDIPKQEKALMKAVATVGPISVAIDAGHESFLFYKEGIYFEPDCSSED
MDHGVLVVGYGFESTESDNNKYWLVKNSWGEEWGMGGYVKMAKDRRNHCGIASAASYPTV
;
_entity_poly.pdbx_strand_id   A,B,C,D
#
loop_
_chem_comp.id
_chem_comp.type
_chem_comp.name
_chem_comp.formula
D1R non-polymer NALPHA-[(4-METHYLPIPERAZIN-1-YL)CARBONYL]-N-{(1S)-3-PHENYL-1-[2-(PHENYLSULFONYL)ETHYL]PROPYL}-L-PHENYLALANINAMIDE 'C32 H40 N4 O4 S'
DMS non-polymer 'DIMETHYL SULFOXIDE' 'C2 H6 O S'
EDO non-polymer 1,2-ETHANEDIOL 'C2 H6 O2'
PEG non-polymer DI(HYDROXYETHYL)ETHER 'C4 H10 O3'
PG4 non-polymer 'TETRAETHYLENE GLYCOL' 'C8 H18 O5'
PGE non-polymer 'TRIETHYLENE GLYCOL' 'C6 H14 O4'
#
# COMPACT_ATOMS: atom_id res chain seq x y z
N ALA A 1 -6.59 -21.02 4.10
CA ALA A 1 -7.46 -19.93 3.66
C ALA A 1 -6.70 -19.02 2.69
N PRO A 2 -7.43 -18.15 1.97
CA PRO A 2 -6.76 -17.16 1.13
C PRO A 2 -5.86 -16.28 1.98
N ARG A 3 -4.79 -15.77 1.37
CA ARG A 3 -3.89 -14.87 2.08
C ARG A 3 -4.41 -13.44 2.14
N SER A 4 -5.34 -13.09 1.24
CA SER A 4 -5.92 -11.76 1.17
C SER A 4 -7.39 -11.88 0.78
N VAL A 5 -8.22 -11.04 1.38
CA VAL A 5 -9.66 -10.98 1.14
C VAL A 5 -10.11 -9.53 1.24
N ASP A 6 -11.00 -9.10 0.34
CA ASP A 6 -11.60 -7.77 0.45
C ASP A 6 -13.00 -7.84 -0.14
N TRP A 7 -14.00 -7.94 0.73
CA TRP A 7 -15.37 -8.05 0.25
C TRP A 7 -15.88 -6.78 -0.41
N ARG A 8 -15.21 -5.64 -0.23
CA ARG A 8 -15.63 -4.44 -0.93
C ARG A 8 -15.58 -4.65 -2.43
N GLU A 9 -14.57 -5.39 -2.91
CA GLU A 9 -14.42 -5.66 -4.34
C GLU A 9 -15.51 -6.56 -4.89
N LYS A 10 -16.21 -7.29 -4.04
CA LYS A 10 -17.29 -8.15 -4.48
C LYS A 10 -18.67 -7.50 -4.36
N GLY A 11 -18.74 -6.25 -3.89
CA GLY A 11 -19.98 -5.51 -3.83
C GLY A 11 -20.76 -5.66 -2.55
N TYR A 12 -20.14 -6.17 -1.49
CA TYR A 12 -20.84 -6.52 -0.27
C TYR A 12 -20.98 -5.36 0.72
N VAL A 13 -20.38 -4.20 0.48
CA VAL A 13 -20.15 -3.23 1.54
C VAL A 13 -20.62 -1.85 1.10
N THR A 14 -21.49 -1.23 1.92
CA THR A 14 -21.93 0.13 1.66
C THR A 14 -20.82 1.12 2.03
N PRO A 15 -20.97 2.38 1.64
CA PRO A 15 -19.98 3.39 2.05
C PRO A 15 -19.91 3.55 3.55
N VAL A 16 -18.82 4.17 3.99
CA VAL A 16 -18.64 4.46 5.41
C VAL A 16 -19.70 5.43 5.90
N LYS A 17 -20.26 5.12 7.07
CA LYS A 17 -21.25 5.97 7.73
C LYS A 17 -20.64 6.64 8.95
N ASN A 18 -21.45 7.47 9.62
CA ASN A 18 -20.99 8.22 10.78
C ASN A 18 -22.05 8.18 11.87
N GLN A 19 -21.72 7.50 12.98
CA GLN A 19 -22.62 7.39 14.13
C GLN A 19 -22.78 8.69 14.89
N GLY A 20 -22.03 9.74 14.55
CA GLY A 20 -22.14 10.94 15.35
C GLY A 20 -21.67 10.73 16.78
N GLN A 21 -22.25 11.50 17.69
CA GLN A 21 -21.88 11.43 19.11
C GLN A 21 -22.88 10.60 19.89
N CYS A 22 -23.22 9.45 19.32
CA CYS A 22 -24.10 8.46 19.92
C CYS A 22 -23.35 7.13 19.97
N GLY A 23 -23.46 6.42 21.10
CA GLY A 23 -22.77 5.16 21.32
C GLY A 23 -23.43 3.99 20.63
N SER A 24 -23.71 4.15 19.35
CA SER A 24 -24.50 3.20 18.57
C SER A 24 -23.63 2.36 17.64
N CYS A 25 -22.36 2.27 17.94
CA CYS A 25 -21.43 1.52 17.08
C CYS A 25 -21.97 0.10 16.82
N TRP A 26 -22.57 -0.51 17.82
CA TRP A 26 -23.08 -1.87 17.64
C TRP A 26 -24.10 -1.95 16.52
N ALA A 27 -24.87 -0.89 16.33
CA ALA A 27 -25.90 -0.89 15.30
C ALA A 27 -25.28 -0.77 13.92
N PHE A 28 -24.21 0.02 13.79
CA PHE A 28 -23.52 0.12 12.51
C PHE A 28 -22.78 -1.17 12.19
N SER A 29 -22.19 -1.83 13.18
CA SER A 29 -21.61 -3.14 12.97
C SER A 29 -22.66 -4.12 12.46
N ALA A 30 -23.83 -4.13 13.12
CA ALA A 30 -24.88 -5.06 12.75
C ALA A 30 -25.40 -4.78 11.34
N THR A 31 -25.71 -3.52 11.02
CA THR A 31 -26.20 -3.24 9.67
C THR A 31 -25.15 -3.61 8.63
N GLY A 32 -23.87 -3.35 8.91
CA GLY A 32 -22.83 -3.75 7.98
C GLY A 32 -22.85 -5.24 7.67
N ALA A 33 -22.91 -6.06 8.72
CA ALA A 33 -22.93 -7.51 8.50
C ALA A 33 -24.19 -7.96 7.78
N LEU A 34 -25.33 -7.36 8.11
CA LEU A 34 -26.58 -7.74 7.44
C LEU A 34 -26.61 -7.26 6.00
N GLU A 35 -26.08 -6.06 5.73
CA GLU A 35 -25.95 -5.60 4.35
C GLU A 35 -25.16 -6.61 3.53
N GLY A 36 -24.09 -7.14 4.10
CA GLY A 36 -23.28 -8.11 3.38
C GLY A 36 -24.05 -9.39 3.11
N GLN A 37 -24.73 -9.93 4.13
CA GLN A 37 -25.42 -11.21 3.95
C GLN A 37 -26.64 -11.07 3.06
N MET A 38 -27.35 -9.94 3.16
CA MET A 38 -28.45 -9.69 2.22
C MET A 38 -27.93 -9.60 0.80
N PHE A 39 -26.78 -8.97 0.58
CA PHE A 39 -26.24 -8.90 -0.77
C PHE A 39 -25.86 -10.28 -1.27
N ARG A 40 -25.24 -11.09 -0.41
CA ARG A 40 -24.91 -12.47 -0.75
C ARG A 40 -26.14 -13.21 -1.25
N LYS A 41 -27.29 -12.96 -0.63
CA LYS A 41 -28.50 -13.69 -0.97
C LYS A 41 -29.16 -13.17 -2.25
N THR A 42 -29.34 -11.84 -2.36
CA THR A 42 -30.19 -11.24 -3.38
C THR A 42 -29.44 -10.56 -4.51
N GLY A 43 -28.16 -10.28 -4.35
CA GLY A 43 -27.44 -9.45 -5.31
C GLY A 43 -27.75 -7.98 -5.25
N ARG A 44 -28.50 -7.51 -4.25
CA ARG A 44 -28.81 -6.10 -4.11
C ARG A 44 -28.18 -5.59 -2.82
N LEU A 45 -27.40 -4.52 -2.95
CA LEU A 45 -26.81 -3.84 -1.79
C LEU A 45 -27.71 -2.68 -1.41
N ILE A 46 -28.33 -2.78 -0.23
CA ILE A 46 -29.24 -1.76 0.27
C ILE A 46 -28.78 -1.35 1.67
N SER A 47 -28.51 -0.06 1.84
CA SER A 47 -28.12 0.46 3.15
C SER A 47 -29.28 0.34 4.13
N LEU A 48 -28.99 -0.17 5.33
CA LEU A 48 -30.00 -0.49 6.34
C LEU A 48 -29.99 0.53 7.47
N SER A 49 -31.11 0.58 8.21
CA SER A 49 -31.37 1.64 9.18
C SER A 49 -30.77 1.32 10.55
N GLU A 50 -29.70 2.03 10.92
CA GLU A 50 -29.20 1.94 12.30
C GLU A 50 -30.21 2.53 13.28
N GLN A 51 -30.90 3.60 12.88
CA GLN A 51 -31.85 4.23 13.79
C GLN A 51 -32.95 3.25 14.19
N ASN A 52 -33.40 2.45 13.24
CA ASN A 52 -34.38 1.42 13.53
C ASN A 52 -33.89 0.50 14.65
N LEU A 53 -32.61 0.14 14.62
CA LEU A 53 -32.04 -0.69 15.68
C LEU A 53 -31.95 0.07 17.00
N VAL A 54 -31.48 1.31 16.95
CA VAL A 54 -31.32 2.11 18.16
C VAL A 54 -32.66 2.28 18.87
N ASP A 55 -33.72 2.56 18.11
CA ASP A 55 -35.04 2.88 18.66
C ASP A 55 -35.81 1.65 19.09
N CYS A 56 -35.56 0.49 18.47
CA CYS A 56 -36.52 -0.61 18.55
C CYS A 56 -35.99 -1.90 19.17
N SER A 57 -34.67 -2.10 19.31
CA SER A 57 -34.18 -3.41 19.75
C SER A 57 -33.87 -3.45 21.24
N GLY A 58 -34.44 -2.54 22.04
CA GLY A 58 -34.35 -2.65 23.47
C GLY A 58 -34.82 -3.97 24.05
N PRO A 59 -35.94 -4.52 23.56
CA PRO A 59 -36.41 -5.80 24.13
C PRO A 59 -35.41 -6.92 23.96
N GLN A 60 -34.56 -6.84 22.95
CA GLN A 60 -33.56 -7.90 22.80
C GLN A 60 -32.36 -7.69 23.71
N GLY A 61 -32.28 -6.54 24.38
CA GLY A 61 -31.17 -6.24 25.28
C GLY A 61 -30.37 -5.00 24.94
N ASN A 62 -30.61 -4.34 23.82
CA ASN A 62 -29.81 -3.19 23.45
C ASN A 62 -30.27 -1.94 24.17
N GLU A 63 -29.36 -0.96 24.27
CA GLU A 63 -29.59 0.24 25.06
C GLU A 63 -29.27 1.48 24.26
N GLY A 64 -29.57 1.47 22.97
CA GLY A 64 -29.52 2.70 22.20
C GLY A 64 -28.12 3.29 22.14
N CYS A 65 -28.04 4.59 22.43
CA CYS A 65 -26.76 5.30 22.43
C CYS A 65 -25.87 4.91 23.60
N ASN A 66 -26.41 4.16 24.56
CA ASN A 66 -25.66 3.71 25.72
C ASN A 66 -25.06 2.32 25.52
N GLY A 67 -25.11 1.78 24.31
CA GLY A 67 -24.45 0.55 23.97
C GLY A 67 -25.43 -0.55 23.59
N GLY A 68 -24.86 -1.63 23.08
CA GLY A 68 -25.65 -2.76 22.64
C GLY A 68 -24.74 -3.85 22.12
N LEU A 69 -25.35 -4.89 21.58
CA LEU A 69 -24.61 -6.01 21.02
C LEU A 69 -25.13 -6.33 19.63
N MET A 70 -24.21 -6.67 18.73
CA MET A 70 -24.63 -7.01 17.37
C MET A 70 -25.57 -8.21 17.36
N ASP A 71 -25.31 -9.21 18.22
CA ASP A 71 -26.20 -10.37 18.24
C ASP A 71 -27.61 -9.99 18.66
N TYR A 72 -27.75 -9.07 19.63
CA TYR A 72 -29.08 -8.57 19.99
C TYR A 72 -29.76 -7.92 18.80
N ALA A 73 -29.00 -7.19 17.98
CA ALA A 73 -29.57 -6.60 16.78
C ALA A 73 -30.02 -7.68 15.80
N PHE A 74 -29.20 -8.71 15.57
CA PHE A 74 -29.62 -9.78 14.67
C PHE A 74 -30.88 -10.46 15.20
N GLN A 75 -30.95 -10.66 16.52
CA GLN A 75 -32.13 -11.24 17.13
C GLN A 75 -33.37 -10.37 16.91
N TYR A 76 -33.21 -9.05 17.05
CA TYR A 76 -34.33 -8.14 16.80
C TYR A 76 -34.87 -8.32 15.39
N VAL A 77 -33.97 -8.29 14.39
CA VAL A 77 -34.43 -8.39 13.01
C VAL A 77 -35.22 -9.68 12.81
N GLN A 78 -34.78 -10.77 13.43
CA GLN A 78 -35.53 -12.02 13.33
C GLN A 78 -36.85 -11.93 14.08
N ASP A 79 -36.82 -11.53 15.36
CA ASP A 79 -38.06 -11.43 16.13
C ASP A 79 -39.04 -10.47 15.48
N ASN A 80 -38.54 -9.35 14.97
CA ASN A 80 -39.37 -8.31 14.40
C ASN A 80 -39.91 -8.66 13.03
N GLY A 81 -39.27 -9.61 12.33
CA GLY A 81 -39.66 -9.91 10.97
C GLY A 81 -39.23 -8.91 9.93
N GLY A 82 -38.23 -8.08 10.21
CA GLY A 82 -37.84 -7.10 9.20
C GLY A 82 -36.96 -6.01 9.78
N LEU A 83 -36.43 -5.20 8.87
CA LEU A 83 -35.59 -4.05 9.21
C LEU A 83 -35.72 -3.06 8.06
N ASP A 84 -35.96 -1.79 8.41
CA ASP A 84 -36.21 -0.76 7.44
C ASP A 84 -34.91 -0.30 6.77
N SER A 85 -35.06 0.20 5.56
CA SER A 85 -33.92 0.76 4.83
C SER A 85 -33.43 2.03 5.51
N GLU A 86 -32.14 2.31 5.29
CA GLU A 86 -31.56 3.57 5.74
C GLU A 86 -32.33 4.77 5.17
N GLU A 87 -32.69 4.70 3.88
CA GLU A 87 -33.42 5.80 3.24
C GLU A 87 -34.76 6.04 3.92
N SER A 88 -35.46 4.97 4.30
CA SER A 88 -36.80 5.11 4.87
C SER A 88 -36.80 5.50 6.34
N TYR A 89 -35.70 5.24 7.05
CA TYR A 89 -35.65 5.42 8.50
C TYR A 89 -34.27 5.98 8.82
N PRO A 90 -34.05 7.26 8.51
CA PRO A 90 -32.69 7.81 8.53
C PRO A 90 -32.13 7.97 9.93
N TYR A 91 -30.82 8.14 9.98
CA TYR A 91 -30.09 8.14 11.23
C TYR A 91 -30.10 9.53 11.85
N GLU A 92 -30.51 9.60 13.12
CA GLU A 92 -30.59 10.86 13.85
C GLU A 92 -29.59 10.98 15.00
N ALA A 93 -28.84 9.92 15.31
CA ALA A 93 -27.80 9.96 16.36
C ALA A 93 -28.37 10.29 17.73
N THR A 94 -29.61 9.92 17.99
CA THR A 94 -30.18 10.04 19.33
C THR A 94 -31.34 9.06 19.40
N GLU A 95 -31.54 8.45 20.58
CA GLU A 95 -32.57 7.44 20.70
C GLU A 95 -33.94 8.09 20.80
N GLU A 96 -34.90 7.55 20.05
CA GLU A 96 -36.28 7.99 20.08
C GLU A 96 -37.18 6.76 20.10
N SER A 97 -38.47 6.98 20.18
CA SER A 97 -39.40 5.86 20.17
C SER A 97 -39.38 5.15 18.81
N CYS A 98 -39.75 3.86 18.85
CA CYS A 98 -39.63 3.01 17.67
C CYS A 98 -40.64 3.40 16.60
N LYS A 99 -40.16 3.58 15.37
CA LYS A 99 -41.01 3.97 14.24
C LYS A 99 -40.94 2.95 13.10
N TYR A 100 -40.54 1.72 13.40
CA TYR A 100 -40.48 0.68 12.39
C TYR A 100 -41.79 0.58 11.62
N ASN A 101 -41.67 0.46 10.31
CA ASN A 101 -42.82 0.30 9.41
C ASN A 101 -42.52 -0.91 8.54
N PRO A 102 -43.28 -2.01 8.69
CA PRO A 102 -42.94 -3.21 7.89
C PRO A 102 -43.00 -2.98 6.38
N LYS A 103 -43.79 -2.01 5.91
CA LYS A 103 -43.89 -1.79 4.47
C LYS A 103 -42.54 -1.42 3.87
N TYR A 104 -41.66 -0.81 4.67
CA TYR A 104 -40.35 -0.37 4.21
C TYR A 104 -39.23 -1.31 4.64
N SER A 105 -39.56 -2.48 5.15
CA SER A 105 -38.51 -3.44 5.48
C SER A 105 -37.87 -3.96 4.21
N VAL A 106 -36.53 -4.05 4.23
CA VAL A 106 -35.77 -4.51 3.08
C VAL A 106 -34.80 -5.62 3.44
N ALA A 107 -34.79 -6.08 4.69
CA ALA A 107 -33.87 -7.11 5.14
C ALA A 107 -34.56 -7.97 6.18
N ASN A 108 -34.06 -9.20 6.31
CA ASN A 108 -34.49 -10.17 7.30
C ASN A 108 -33.29 -11.02 7.70
N ASP A 109 -33.39 -11.67 8.85
CA ASP A 109 -32.47 -12.77 9.12
C ASP A 109 -33.16 -13.80 9.99
N ALA A 110 -32.53 -14.97 10.09
CA ALA A 110 -33.06 -16.11 10.80
C ALA A 110 -32.19 -16.48 11.99
N GLY A 111 -31.57 -15.47 12.61
CA GLY A 111 -30.64 -15.69 13.69
C GLY A 111 -29.24 -15.29 13.28
N PHE A 112 -28.26 -15.92 13.92
CA PHE A 112 -26.87 -15.49 13.79
C PHE A 112 -25.97 -16.64 14.20
N VAL A 113 -24.68 -16.47 13.94
CA VAL A 113 -23.66 -17.45 14.24
C VAL A 113 -22.55 -16.76 15.01
N ASP A 114 -22.19 -17.29 16.16
CA ASP A 114 -21.04 -16.80 16.91
C ASP A 114 -19.80 -17.58 16.50
N ILE A 115 -18.70 -16.87 16.29
CA ILE A 115 -17.45 -17.46 15.82
C ILE A 115 -16.58 -17.80 17.02
N PRO A 116 -15.92 -18.97 17.04
CA PRO A 116 -15.00 -19.27 18.14
C PRO A 116 -13.97 -18.16 18.32
N LYS A 117 -13.50 -17.98 19.55
CA LYS A 117 -12.69 -16.82 19.92
C LYS A 117 -11.22 -17.04 19.59
N GLN A 118 -10.97 -17.28 18.29
CA GLN A 118 -9.63 -17.46 17.77
C GLN A 118 -9.52 -16.73 16.45
N GLU A 119 -8.39 -16.08 16.21
CA GLU A 119 -8.20 -15.39 14.94
C GLU A 119 -8.21 -16.36 13.76
N LYS A 120 -7.83 -17.61 14.01
CA LYS A 120 -7.84 -18.64 12.93
C LYS A 120 -9.28 -18.86 12.47
N ALA A 121 -10.23 -18.89 13.40
CA ALA A 121 -11.64 -19.08 13.08
C ALA A 121 -12.23 -17.82 12.45
N LEU A 122 -11.83 -16.64 12.94
CA LEU A 122 -12.30 -15.42 12.32
C LEU A 122 -11.86 -15.36 10.86
N MET A 123 -10.61 -15.73 10.59
CA MET A 123 -10.14 -15.71 9.20
C MET A 123 -10.96 -16.64 8.32
N LYS A 124 -11.27 -17.86 8.81
CA LYS A 124 -12.08 -18.77 8.01
C LYS A 124 -13.46 -18.21 7.75
N ALA A 125 -14.06 -17.55 8.76
CA ALA A 125 -15.37 -16.93 8.57
C ALA A 125 -15.30 -15.79 7.55
N VAL A 126 -14.32 -14.89 7.70
CA VAL A 126 -14.21 -13.80 6.74
C VAL A 126 -14.04 -14.34 5.33
N ALA A 127 -13.22 -15.37 5.17
CA ALA A 127 -12.93 -15.90 3.84
C ALA A 127 -14.17 -16.54 3.20
N THR A 128 -15.08 -17.10 3.99
CA THR A 128 -16.14 -17.91 3.42
C THR A 128 -17.53 -17.32 3.53
N VAL A 129 -17.75 -16.38 4.44
CA VAL A 129 -19.08 -15.84 4.72
C VAL A 129 -19.28 -14.46 4.11
N GLY A 130 -18.33 -13.56 4.34
CA GLY A 130 -18.53 -12.17 4.03
C GLY A 130 -18.10 -11.32 5.22
N PRO A 131 -18.45 -10.04 5.21
CA PRO A 131 -18.08 -9.17 6.34
C PRO A 131 -18.66 -9.68 7.66
N ILE A 132 -17.87 -9.56 8.72
CA ILE A 132 -18.15 -10.14 10.02
C ILE A 132 -18.22 -9.03 11.06
N SER A 133 -19.27 -9.03 11.88
CA SER A 133 -19.32 -8.11 13.01
C SER A 133 -18.33 -8.52 14.08
N VAL A 134 -17.57 -7.54 14.59
CA VAL A 134 -16.60 -7.77 15.66
C VAL A 134 -16.63 -6.60 16.62
N ALA A 135 -16.10 -6.84 17.83
CA ALA A 135 -15.88 -5.80 18.82
C ALA A 135 -14.39 -5.68 19.09
N ILE A 136 -13.94 -4.44 19.27
CA ILE A 136 -12.53 -4.15 19.57
C ILE A 136 -12.44 -3.20 20.75
N ASP A 137 -11.28 -3.22 21.39
CA ASP A 137 -10.90 -2.19 22.36
C ASP A 137 -10.37 -1.00 21.56
N ALA A 138 -11.19 0.03 21.40
CA ALA A 138 -10.84 1.24 20.67
C ALA A 138 -10.67 2.45 21.58
N GLY A 139 -10.51 2.21 22.88
CA GLY A 139 -10.41 3.30 23.83
C GLY A 139 -8.99 3.78 24.08
N HIS A 140 -8.29 4.20 23.02
CA HIS A 140 -6.94 4.75 23.13
C HIS A 140 -6.77 5.87 22.12
N GLU A 141 -6.00 6.89 22.51
CA GLU A 141 -5.82 8.06 21.64
C GLU A 141 -5.24 7.67 20.28
N SER A 142 -4.38 6.66 20.24
CA SER A 142 -3.77 6.25 18.97
C SER A 142 -4.85 5.91 17.96
N PHE A 143 -5.95 5.33 18.43
CA PHE A 143 -7.05 4.98 17.54
C PHE A 143 -7.71 6.22 16.94
N LEU A 144 -7.73 7.34 17.68
CA LEU A 144 -8.32 8.57 17.18
C LEU A 144 -7.54 9.16 16.02
N PHE A 145 -6.20 9.16 16.11
CA PHE A 145 -5.34 9.84 15.15
C PHE A 145 -4.86 8.93 14.03
N TYR A 146 -5.34 7.69 13.99
CA TYR A 146 -4.92 6.75 12.97
C TYR A 146 -5.12 7.32 11.57
N LYS A 147 -4.12 7.15 10.70
CA LYS A 147 -4.23 7.70 9.32
C LYS A 147 -3.87 6.63 8.28
N GLU A 148 -2.95 5.73 8.58
CA GLU A 148 -2.55 4.71 7.62
C GLU A 148 -1.70 3.67 8.32
N GLY A 149 -1.42 2.58 7.62
CA GLY A 149 -0.61 1.52 8.18
C GLY A 149 -1.39 0.56 9.06
N ILE A 150 -0.64 -0.33 9.70
CA ILE A 150 -1.21 -1.35 10.55
C ILE A 150 -1.29 -0.81 11.97
N TYR A 151 -2.49 -0.78 12.52
CA TYR A 151 -2.71 -0.28 13.86
C TYR A 151 -2.30 -1.32 14.90
N PHE A 152 -1.39 -0.94 15.78
CA PHE A 152 -1.00 -1.81 16.90
C PHE A 152 -0.85 -0.94 18.13
N GLU A 153 -1.58 -1.31 19.18
CA GLU A 153 -1.61 -0.56 20.43
C GLU A 153 -1.13 -1.46 21.55
N PRO A 154 0.07 -1.26 22.10
CA PRO A 154 0.59 -2.20 23.10
C PRO A 154 -0.29 -2.32 24.33
N ASP A 155 -1.09 -1.30 24.64
CA ASP A 155 -1.96 -1.31 25.81
C ASP A 155 -3.35 -1.85 25.49
N CYS A 156 -3.56 -2.40 24.31
CA CYS A 156 -4.88 -2.87 23.92
C CYS A 156 -5.24 -4.15 24.65
N SER A 157 -6.50 -4.27 25.05
CA SER A 157 -7.00 -5.43 25.77
C SER A 157 -7.69 -6.40 24.81
N SER A 158 -7.49 -7.69 25.04
N SER A 158 -7.49 -7.69 25.04
CA SER A 158 -8.07 -8.75 24.23
CA SER A 158 -8.09 -8.74 24.22
C SER A 158 -9.36 -9.30 24.83
C SER A 158 -9.35 -9.31 24.83
N GLU A 159 -9.76 -8.82 26.00
CA GLU A 159 -10.96 -9.30 26.68
C GLU A 159 -12.01 -8.21 26.89
N ASP A 160 -11.60 -6.95 26.98
CA ASP A 160 -12.50 -5.83 27.29
C ASP A 160 -12.62 -4.96 26.05
N MET A 161 -13.60 -5.28 25.21
CA MET A 161 -13.91 -4.51 24.01
C MET A 161 -14.97 -3.47 24.32
N ASP A 162 -14.93 -2.36 23.56
CA ASP A 162 -15.90 -1.30 23.75
C ASP A 162 -16.45 -0.74 22.44
N HIS A 163 -16.13 -1.37 21.32
CA HIS A 163 -16.52 -0.75 20.04
C HIS A 163 -16.87 -1.80 18.99
N GLY A 164 -18.04 -1.73 18.44
CA GLY A 164 -18.44 -2.66 17.40
C GLY A 164 -18.06 -2.10 16.05
N VAL A 165 -17.44 -2.94 15.22
CA VAL A 165 -16.99 -2.53 13.89
C VAL A 165 -17.19 -3.71 12.96
N LEU A 166 -16.67 -3.63 11.74
CA LEU A 166 -16.97 -4.63 10.71
C LEU A 166 -15.68 -5.03 10.01
N VAL A 167 -15.37 -6.32 10.05
CA VAL A 167 -14.23 -6.85 9.30
C VAL A 167 -14.69 -7.15 7.89
N VAL A 168 -14.14 -6.45 6.90
CA VAL A 168 -14.50 -6.67 5.51
C VAL A 168 -13.44 -7.43 4.74
N GLY A 169 -12.35 -7.82 5.39
CA GLY A 169 -11.30 -8.52 4.70
C GLY A 169 -10.06 -8.59 5.57
N TYR A 170 -8.97 -9.02 4.94
CA TYR A 170 -7.68 -9.07 5.61
C TYR A 170 -6.60 -9.15 4.54
N GLY A 171 -5.37 -8.90 4.94
CA GLY A 171 -4.30 -8.91 3.98
C GLY A 171 -2.96 -8.70 4.65
N PHE A 172 -2.01 -8.22 3.89
CA PHE A 172 -0.67 -7.98 4.45
C PHE A 172 0.06 -6.87 3.68
N GLU A 173 1.03 -6.30 4.38
CA GLU A 173 1.95 -5.37 3.73
C GLU A 173 3.24 -5.38 4.53
N SER A 174 4.35 -5.19 3.84
CA SER A 174 5.65 -5.21 4.49
C SER A 174 5.78 -4.04 5.44
N THR A 175 6.32 -4.33 6.63
CA THR A 175 6.53 -3.31 7.65
C THR A 175 7.92 -3.43 8.28
N GLU A 176 8.29 -2.35 8.97
CA GLU A 176 9.56 -2.30 9.69
C GLU A 176 9.73 -3.48 10.64
N SER A 177 8.68 -3.80 11.42
CA SER A 177 8.78 -4.80 12.47
C SER A 177 8.48 -6.21 11.97
N ASP A 178 8.08 -6.34 10.71
CA ASP A 178 7.73 -7.62 10.09
C ASP A 178 6.50 -8.25 10.72
N ASN A 179 5.69 -7.43 11.37
CA ASN A 179 4.34 -7.80 11.76
C ASN A 179 3.45 -7.26 10.64
N ASN A 180 3.24 -8.08 9.60
CA ASN A 180 2.75 -7.59 8.31
C ASN A 180 1.26 -7.85 8.07
N LYS A 181 0.59 -8.62 8.91
CA LYS A 181 -0.77 -9.01 8.59
C LYS A 181 -1.78 -8.10 9.27
N TYR A 182 -2.90 -7.86 8.59
CA TYR A 182 -3.93 -6.98 9.12
C TYR A 182 -5.33 -7.47 8.78
N TRP A 183 -6.27 -7.11 9.67
CA TRP A 183 -7.70 -7.16 9.39
C TRP A 183 -8.12 -5.83 8.79
N LEU A 184 -8.89 -5.88 7.71
CA LEU A 184 -9.42 -4.67 7.10
C LEU A 184 -10.76 -4.35 7.76
N VAL A 185 -10.82 -3.25 8.50
CA VAL A 185 -11.95 -2.97 9.38
C VAL A 185 -12.63 -1.67 8.96
N LYS A 186 -13.94 -1.75 8.72
CA LYS A 186 -14.78 -0.59 8.45
C LYS A 186 -15.23 0.01 9.77
N ASN A 187 -14.96 1.29 9.99
CA ASN A 187 -15.40 1.99 11.19
C ASN A 187 -16.67 2.79 10.83
N SER A 188 -17.25 3.45 11.84
CA SER A 188 -18.46 4.25 11.63
C SER A 188 -18.28 5.64 12.17
N TRP A 189 -17.10 6.22 11.93
CA TRP A 189 -16.77 7.57 12.36
C TRP A 189 -16.60 8.53 11.18
N GLY A 190 -17.15 8.16 10.02
CA GLY A 190 -17.05 8.98 8.83
C GLY A 190 -15.79 8.73 8.04
N GLU A 191 -15.75 9.35 6.85
CA GLU A 191 -14.67 9.16 5.89
C GLU A 191 -13.37 9.82 6.30
N GLU A 192 -13.43 10.86 7.14
CA GLU A 192 -12.25 11.65 7.48
C GLU A 192 -11.38 10.96 8.51
N TRP A 193 -11.95 10.05 9.31
CA TRP A 193 -11.16 9.25 10.23
C TRP A 193 -10.40 8.17 9.46
N GLY A 194 -9.18 7.88 9.90
CA GLY A 194 -8.43 6.75 9.33
C GLY A 194 -8.21 6.87 7.84
N MET A 195 -8.23 5.71 7.16
CA MET A 195 -8.00 5.63 5.72
C MET A 195 -9.37 5.60 5.04
N GLY A 196 -9.93 6.77 4.81
CA GLY A 196 -11.28 6.81 4.27
C GLY A 196 -12.29 6.15 5.17
N GLY A 197 -12.07 6.18 6.49
CA GLY A 197 -12.96 5.55 7.44
C GLY A 197 -12.62 4.11 7.77
N TYR A 198 -11.58 3.55 7.16
CA TYR A 198 -11.11 2.19 7.41
C TYR A 198 -9.86 2.21 8.27
N VAL A 199 -9.63 1.08 8.95
CA VAL A 199 -8.38 0.86 9.68
C VAL A 199 -7.88 -0.54 9.42
N LYS A 200 -6.57 -0.68 9.28
CA LYS A 200 -5.92 -1.98 9.21
C LYS A 200 -5.48 -2.39 10.61
N MET A 201 -6.23 -3.30 11.23
N MET A 201 -6.20 -3.32 11.22
CA MET A 201 -5.95 -3.77 12.60
CA MET A 201 -5.93 -3.74 12.59
C MET A 201 -4.97 -4.94 12.57
C MET A 201 -5.01 -4.94 12.61
N ALA A 202 -4.01 -4.90 13.48
CA ALA A 202 -3.01 -5.97 13.54
C ALA A 202 -3.66 -7.34 13.61
N LYS A 203 -3.20 -8.25 12.76
CA LYS A 203 -3.77 -9.58 12.66
C LYS A 203 -2.74 -10.63 13.06
N ASP A 204 -3.19 -11.62 13.81
CA ASP A 204 -2.35 -12.73 14.27
C ASP A 204 -1.27 -12.26 15.24
N ARG A 205 -1.60 -11.26 16.05
CA ARG A 205 -0.76 -10.76 17.14
C ARG A 205 -1.53 -10.92 18.45
N ARG A 206 -1.75 -12.19 18.85
CA ARG A 206 -2.40 -12.51 20.12
C ARG A 206 -3.78 -11.85 20.25
N ASN A 207 -4.58 -11.94 19.19
CA ASN A 207 -5.94 -11.41 19.22
C ASN A 207 -5.95 -9.94 19.64
N HIS A 208 -5.23 -9.15 18.90
CA HIS A 208 -4.99 -7.73 19.23
C HIS A 208 -6.30 -6.95 19.36
N CYS A 209 -6.43 -6.23 20.44
CA CYS A 209 -7.63 -5.44 20.77
C CYS A 209 -8.90 -6.30 20.82
N GLY A 210 -8.77 -7.62 20.91
CA GLY A 210 -9.90 -8.51 21.10
C GLY A 210 -10.76 -8.74 19.88
N ILE A 211 -10.20 -8.54 18.67
CA ILE A 211 -11.00 -8.54 17.45
C ILE A 211 -11.68 -9.88 17.19
N ALA A 212 -11.13 -10.98 17.70
CA ALA A 212 -11.74 -12.29 17.53
C ALA A 212 -12.59 -12.73 18.71
N SER A 213 -12.80 -11.84 19.69
CA SER A 213 -13.41 -12.26 20.95
C SER A 213 -14.94 -12.17 20.95
N ALA A 214 -15.52 -11.37 20.07
CA ALA A 214 -16.98 -11.26 19.97
C ALA A 214 -17.37 -11.08 18.51
N ALA A 215 -17.06 -12.08 17.69
CA ALA A 215 -17.30 -12.00 16.26
C ALA A 215 -18.52 -12.85 15.90
N SER A 216 -19.37 -12.33 15.01
CA SER A 216 -20.59 -13.03 14.64
C SER A 216 -21.10 -12.48 13.33
N TYR A 217 -22.09 -13.17 12.77
CA TYR A 217 -22.75 -12.68 11.58
C TYR A 217 -24.19 -13.18 11.56
N PRO A 218 -25.08 -12.51 10.83
CA PRO A 218 -26.47 -12.96 10.76
C PRO A 218 -26.64 -14.07 9.72
N THR A 219 -27.68 -14.88 9.94
CA THR A 219 -28.04 -15.94 9.02
C THR A 219 -29.18 -15.47 8.15
N VAL A 220 -29.00 -15.51 6.87
CA VAL A 220 -30.01 -15.02 5.91
C VAL A 220 -30.43 -16.17 4.99
N ALA B 1 12.37 -4.16 -16.62
CA ALA B 1 12.95 -5.46 -16.31
C ALA B 1 13.34 -6.18 -17.60
N PRO B 2 14.39 -6.99 -17.55
CA PRO B 2 14.74 -7.80 -18.74
C PRO B 2 13.58 -8.68 -19.14
N ARG B 3 13.62 -9.14 -20.40
CA ARG B 3 12.57 -10.01 -20.89
C ARG B 3 12.70 -11.43 -20.37
N SER B 4 13.89 -11.85 -19.95
CA SER B 4 14.03 -13.16 -19.31
C SER B 4 15.16 -13.08 -18.29
N VAL B 5 15.05 -13.94 -17.27
CA VAL B 5 15.96 -13.99 -16.13
C VAL B 5 16.15 -15.46 -15.75
N ASP B 6 17.39 -15.83 -15.43
CA ASP B 6 17.67 -17.17 -14.92
C ASP B 6 18.84 -17.04 -13.94
N TRP B 7 18.52 -16.96 -12.64
CA TRP B 7 19.56 -16.77 -11.64
C TRP B 7 20.49 -17.97 -11.51
N ARG B 8 20.13 -19.12 -12.07
CA ARG B 8 21.07 -20.23 -12.02
C ARG B 8 22.36 -19.89 -12.75
N GLU B 9 22.26 -19.11 -13.83
CA GLU B 9 23.44 -18.79 -14.61
C GLU B 9 24.34 -17.79 -13.90
N LYS B 10 23.86 -17.15 -12.84
CA LYS B 10 24.66 -16.18 -12.10
C LYS B 10 25.21 -16.73 -10.80
N GLY B 11 24.93 -17.99 -10.46
CA GLY B 11 25.51 -18.63 -9.30
C GLY B 11 24.68 -18.53 -8.03
N TYR B 12 23.40 -18.18 -8.14
CA TYR B 12 22.56 -17.93 -6.97
C TYR B 12 21.83 -19.17 -6.46
N VAL B 13 21.89 -20.29 -7.16
CA VAL B 13 20.96 -21.40 -6.96
C VAL B 13 21.72 -22.71 -6.74
N THR B 14 21.40 -23.41 -5.65
CA THR B 14 21.96 -24.73 -5.38
C THR B 14 21.23 -25.78 -6.22
N PRO B 15 21.78 -26.98 -6.32
CA PRO B 15 21.06 -28.05 -7.04
C PRO B 15 19.72 -28.35 -6.39
N VAL B 16 18.87 -29.03 -7.16
CA VAL B 16 17.56 -29.44 -6.68
C VAL B 16 17.71 -30.44 -5.54
N LYS B 17 16.91 -30.25 -4.48
CA LYS B 17 16.91 -31.09 -3.29
C LYS B 17 15.60 -31.86 -3.23
N ASN B 18 15.45 -32.72 -2.22
CA ASN B 18 14.29 -33.59 -2.14
C ASN B 18 13.82 -33.64 -0.69
N GLN B 19 12.62 -33.12 -0.45
CA GLN B 19 12.09 -33.09 0.90
C GLN B 19 11.65 -34.47 1.39
N GLY B 20 11.56 -35.45 0.50
CA GLY B 20 11.11 -36.76 0.95
C GLY B 20 9.64 -36.77 1.35
N GLN B 21 9.29 -37.67 2.26
CA GLN B 21 7.90 -37.81 2.69
C GLN B 21 7.67 -36.98 3.96
N CYS B 22 7.98 -35.70 3.84
CA CYS B 22 7.89 -34.74 4.92
C CYS B 22 7.35 -33.45 4.32
N GLY B 23 6.38 -32.81 5.00
CA GLY B 23 5.73 -31.62 4.46
C GLY B 23 6.52 -30.37 4.75
N SER B 24 7.79 -30.40 4.36
CA SER B 24 8.77 -29.38 4.70
C SER B 24 9.11 -28.49 3.50
N CYS B 25 8.22 -28.44 2.50
CA CYS B 25 8.43 -27.59 1.33
C CYS B 25 8.77 -26.15 1.74
N TRP B 26 8.11 -25.65 2.78
CA TRP B 26 8.38 -24.28 3.25
C TRP B 26 9.85 -24.08 3.61
N ALA B 27 10.50 -25.12 4.12
CA ALA B 27 11.89 -24.99 4.55
C ALA B 27 12.81 -24.95 3.34
N PHE B 28 12.49 -25.73 2.30
CA PHE B 28 13.28 -25.72 1.07
C PHE B 28 13.09 -24.41 0.31
N SER B 29 11.86 -23.90 0.28
CA SER B 29 11.64 -22.59 -0.32
C SER B 29 12.44 -21.53 0.42
N ALA B 30 12.45 -21.59 1.75
CA ALA B 30 13.17 -20.60 2.54
C ALA B 30 14.67 -20.71 2.35
N THR B 31 15.22 -21.92 2.41
CA THR B 31 16.68 -22.01 2.21
C THR B 31 17.04 -21.56 0.80
N GLY B 32 16.20 -21.83 -0.19
CA GLY B 32 16.51 -21.39 -1.54
C GLY B 32 16.60 -19.88 -1.63
N ALA B 33 15.65 -19.17 -1.01
CA ALA B 33 15.68 -17.72 -1.06
C ALA B 33 16.87 -17.16 -0.27
N LEU B 34 17.18 -17.76 0.88
N LEU B 34 17.17 -17.76 0.88
CA LEU B 34 18.30 -17.27 1.66
CA LEU B 34 18.30 -17.32 1.69
C LEU B 34 19.65 -17.64 1.03
C LEU B 34 19.62 -17.63 1.00
N GLU B 35 19.73 -18.79 0.37
CA GLU B 35 20.93 -19.12 -0.41
C GLU B 35 21.18 -18.03 -1.45
N GLY B 36 20.11 -17.59 -2.11
CA GLY B 36 20.26 -16.56 -3.13
C GLY B 36 20.69 -15.22 -2.55
N GLN B 37 20.07 -14.81 -1.44
CA GLN B 37 20.43 -13.51 -0.87
C GLN B 37 21.80 -13.54 -0.21
N MET B 38 22.19 -14.67 0.40
CA MET B 38 23.56 -14.74 0.91
C MET B 38 24.56 -14.63 -0.22
N PHE B 39 24.28 -15.27 -1.36
CA PHE B 39 25.18 -15.16 -2.49
C PHE B 39 25.26 -13.71 -2.99
N ARG B 40 24.11 -13.05 -3.08
CA ARG B 40 24.06 -11.64 -3.47
C ARG B 40 24.97 -10.80 -2.58
N LYS B 41 24.94 -11.06 -1.28
CA LYS B 41 25.66 -10.24 -0.30
C LYS B 41 27.13 -10.62 -0.18
N THR B 42 27.47 -11.91 -0.31
CA THR B 42 28.84 -12.35 -0.02
C THR B 42 29.59 -12.90 -1.22
N GLY B 43 28.91 -13.22 -2.32
CA GLY B 43 29.54 -13.88 -3.44
C GLY B 43 29.81 -15.36 -3.24
N ARG B 44 29.28 -15.98 -2.18
CA ARG B 44 29.46 -17.40 -1.94
C ARG B 44 28.11 -18.10 -1.86
N LEU B 45 27.98 -19.18 -2.61
CA LEU B 45 26.79 -20.03 -2.57
C LEU B 45 27.08 -21.17 -1.60
N ILE B 46 26.33 -21.24 -0.51
CA ILE B 46 26.49 -22.30 0.48
C ILE B 46 25.12 -22.90 0.73
N SER B 47 25.01 -24.20 0.50
CA SER B 47 23.74 -24.89 0.73
C SER B 47 23.39 -24.86 2.21
N LEU B 48 22.13 -24.57 2.52
CA LEU B 48 21.68 -24.31 3.88
C LEU B 48 20.80 -25.44 4.39
N SER B 49 20.69 -25.54 5.72
CA SER B 49 20.08 -26.70 6.37
C SER B 49 18.56 -26.53 6.51
N GLU B 50 17.80 -27.31 5.73
CA GLU B 50 16.36 -27.40 5.97
C GLU B 50 16.07 -28.10 7.30
N GLN B 51 16.86 -29.11 7.65
CA GLN B 51 16.66 -29.80 8.92
C GLN B 51 16.72 -28.83 10.10
N ASN B 52 17.69 -27.91 10.07
CA ASN B 52 17.78 -26.85 11.06
C ASN B 52 16.44 -26.13 11.21
N LEU B 53 15.82 -25.77 10.09
CA LEU B 53 14.53 -25.09 10.14
C LEU B 53 13.43 -26.00 10.67
N VAL B 54 13.39 -27.25 10.21
CA VAL B 54 12.35 -28.18 10.62
C VAL B 54 12.41 -28.40 12.13
N ASP B 55 13.62 -28.57 12.67
CA ASP B 55 13.81 -28.93 14.06
C ASP B 55 13.65 -27.74 15.01
N CYS B 56 13.95 -26.52 14.53
CA CYS B 56 14.24 -25.42 15.44
C CYS B 56 13.32 -24.21 15.31
N SER B 57 12.56 -24.07 14.24
CA SER B 57 11.80 -22.84 14.03
C SER B 57 10.34 -22.96 14.46
N GLY B 58 10.02 -23.94 15.31
CA GLY B 58 8.72 -23.97 15.95
C GLY B 58 8.35 -22.70 16.68
N PRO B 59 9.27 -22.07 17.40
CA PRO B 59 8.92 -20.85 18.14
C PRO B 59 8.45 -19.71 17.23
N GLN B 60 8.84 -19.74 15.97
CA GLN B 60 8.38 -18.71 15.03
C GLN B 60 7.09 -19.09 14.33
N GLY B 61 6.55 -20.28 14.58
CA GLY B 61 5.25 -20.66 14.07
C GLY B 61 5.28 -21.89 13.17
N ASN B 62 6.45 -22.42 12.86
CA ASN B 62 6.54 -23.54 11.93
C ASN B 62 6.20 -24.84 12.65
N GLU B 63 5.76 -25.83 11.87
CA GLU B 63 5.28 -27.10 12.41
C GLU B 63 5.96 -28.28 11.73
N GLY B 64 7.24 -28.12 11.40
CA GLY B 64 8.04 -29.25 10.94
C GLY B 64 7.49 -29.86 9.67
N CYS B 65 7.32 -31.19 9.69
CA CYS B 65 6.76 -31.88 8.53
C CYS B 65 5.26 -31.68 8.38
N ASN B 66 4.62 -31.00 9.33
CA ASN B 66 3.22 -30.68 9.23
C ASN B 66 2.96 -29.31 8.61
N GLY B 67 4.00 -28.66 8.13
CA GLY B 67 3.83 -27.42 7.38
C GLY B 67 4.45 -26.23 8.08
N GLY B 68 4.49 -25.13 7.36
CA GLY B 68 5.10 -23.91 7.88
C GLY B 68 5.04 -22.82 6.85
N LEU B 69 5.73 -21.72 7.15
CA LEU B 69 5.76 -20.58 6.24
C LEU B 69 7.20 -20.12 6.05
N MET B 70 7.53 -19.75 4.82
CA MET B 70 8.85 -19.20 4.57
C MET B 70 9.13 -17.99 5.44
N ASP B 71 8.14 -17.11 5.67
CA ASP B 71 8.45 -15.94 6.48
C ASP B 71 8.79 -16.31 7.91
N TYR B 72 8.16 -17.36 8.46
CA TYR B 72 8.52 -17.82 9.79
C TYR B 72 9.96 -18.33 9.82
N ALA B 73 10.39 -18.99 8.75
CA ALA B 73 11.77 -19.45 8.68
C ALA B 73 12.73 -18.26 8.62
N PHE B 74 12.39 -17.23 7.84
CA PHE B 74 13.24 -16.05 7.82
C PHE B 74 13.29 -15.39 9.19
N GLN B 75 12.16 -15.41 9.91
CA GLN B 75 12.14 -14.86 11.26
C GLN B 75 13.03 -15.66 12.21
N TYR B 76 13.01 -17.00 12.07
CA TYR B 76 13.87 -17.83 12.90
C TYR B 76 15.33 -17.44 12.71
N VAL B 77 15.77 -17.30 11.46
CA VAL B 77 17.18 -17.00 11.23
C VAL B 77 17.55 -15.70 11.92
N GLN B 78 16.67 -14.70 11.84
CA GLN B 78 16.93 -13.43 12.52
C GLN B 78 17.00 -13.63 14.03
N ASP B 79 15.95 -14.22 14.61
CA ASP B 79 15.89 -14.42 16.06
C ASP B 79 17.07 -15.25 16.56
N ASN B 80 17.46 -16.25 15.79
CA ASN B 80 18.45 -17.23 16.20
C ASN B 80 19.86 -16.71 16.03
N GLY B 81 20.05 -15.69 15.21
CA GLY B 81 21.38 -15.21 14.91
C GLY B 81 22.14 -16.02 13.89
N GLY B 82 21.50 -16.97 13.22
CA GLY B 82 22.21 -17.73 12.21
C GLY B 82 21.43 -18.95 11.77
N LEU B 83 22.02 -19.68 10.83
CA LEU B 83 21.46 -20.90 10.28
C LEU B 83 22.61 -21.77 9.82
N ASP B 84 22.57 -23.05 10.17
CA ASP B 84 23.70 -23.92 9.84
C ASP B 84 23.67 -24.34 8.36
N SER B 85 24.85 -24.72 7.88
CA SER B 85 24.98 -25.24 6.52
C SER B 85 24.32 -26.61 6.39
N GLU B 86 23.90 -26.92 5.16
CA GLU B 86 23.42 -28.25 4.82
C GLU B 86 24.42 -29.32 5.22
N GLU B 87 25.69 -29.10 4.90
CA GLU B 87 26.72 -30.09 5.21
C GLU B 87 26.80 -30.36 6.71
N SER B 88 26.68 -29.32 7.53
CA SER B 88 26.86 -29.46 8.97
C SER B 88 25.64 -30.03 9.66
N TYR B 89 24.47 -29.96 9.02
CA TYR B 89 23.19 -30.29 9.65
C TYR B 89 22.32 -30.94 8.58
N PRO B 90 22.65 -32.16 8.19
CA PRO B 90 22.03 -32.75 7.00
C PRO B 90 20.57 -33.10 7.20
N TYR B 91 19.91 -33.31 6.07
CA TYR B 91 18.47 -33.44 6.04
C TYR B 91 18.04 -34.87 6.33
N GLU B 92 17.06 -35.03 7.22
CA GLU B 92 16.61 -36.34 7.67
C GLU B 92 15.18 -36.67 7.28
N ALA B 93 14.39 -35.69 6.82
CA ALA B 93 13.00 -35.91 6.37
C ALA B 93 12.07 -36.33 7.52
N THR B 94 12.41 -35.96 8.74
CA THR B 94 11.53 -36.19 9.89
C THR B 94 11.94 -35.17 10.96
N GLU B 95 10.97 -34.77 11.78
CA GLU B 95 11.24 -33.75 12.77
C GLU B 95 11.98 -34.36 13.96
N GLU B 96 13.04 -33.68 14.40
CA GLU B 96 13.87 -34.08 15.53
C GLU B 96 14.08 -32.87 16.43
N SER B 97 14.66 -33.12 17.61
CA SER B 97 15.01 -32.02 18.49
C SER B 97 16.09 -31.14 17.86
N CYS B 98 16.07 -29.87 18.23
N CYS B 98 16.06 -29.86 18.22
CA CYS B 98 16.95 -28.89 17.59
CA CYS B 98 16.99 -28.89 17.65
C CYS B 98 18.40 -29.15 17.97
C CYS B 98 18.42 -29.25 17.97
N LYS B 99 19.28 -29.16 16.95
CA LYS B 99 20.71 -29.40 17.14
C LYS B 99 21.54 -28.25 16.55
N TYR B 100 20.95 -27.07 16.44
CA TYR B 100 21.67 -25.90 15.95
C TYR B 100 22.97 -25.70 16.70
N ASN B 101 24.04 -25.44 15.96
CA ASN B 101 25.34 -25.12 16.51
C ASN B 101 25.83 -23.83 15.88
N PRO B 102 25.99 -22.73 16.64
CA PRO B 102 26.40 -21.47 16.01
C PRO B 102 27.77 -21.53 15.34
N LYS B 103 28.63 -22.48 15.72
CA LYS B 103 29.95 -22.57 15.09
C LYS B 103 29.83 -22.88 13.61
N TYR B 104 28.73 -23.52 13.20
CA TYR B 104 28.51 -23.91 11.81
C TYR B 104 27.53 -23.00 11.09
N SER B 105 27.17 -21.86 11.68
CA SER B 105 26.26 -20.95 11.01
C SER B 105 26.96 -20.32 9.80
N VAL B 106 26.26 -20.29 8.68
CA VAL B 106 26.79 -19.70 7.46
C VAL B 106 25.85 -18.67 6.85
N ALA B 107 24.72 -18.38 7.48
CA ALA B 107 23.75 -17.45 6.91
C ALA B 107 23.08 -16.68 8.04
N ASN B 108 22.53 -15.54 7.68
CA ASN B 108 21.89 -14.62 8.62
C ASN B 108 20.93 -13.71 7.87
N ASP B 109 19.96 -13.18 8.55
CA ASP B 109 19.15 -12.14 7.94
C ASP B 109 18.63 -11.20 9.01
N ALA B 110 18.06 -10.10 8.54
CA ALA B 110 17.44 -9.11 9.43
C ALA B 110 15.98 -8.94 9.05
N GLY B 111 15.26 -10.05 8.95
CA GLY B 111 13.84 -10.02 8.65
C GLY B 111 13.54 -10.45 7.23
N PHE B 112 12.43 -9.95 6.70
CA PHE B 112 12.00 -10.40 5.38
C PHE B 112 11.11 -9.34 4.75
N VAL B 113 10.84 -9.54 3.46
CA VAL B 113 10.08 -8.63 2.62
C VAL B 113 8.95 -9.45 2.00
N ASP B 114 7.72 -9.02 2.23
CA ASP B 114 6.55 -9.55 1.52
C ASP B 114 6.27 -8.65 0.33
N ILE B 115 6.29 -9.23 -0.88
CA ILE B 115 6.06 -8.51 -2.12
C ILE B 115 4.56 -8.31 -2.31
N PRO B 116 4.11 -7.15 -2.77
CA PRO B 116 2.67 -6.97 -3.01
C PRO B 116 2.16 -7.99 -4.02
N LYS B 117 0.86 -8.28 -3.87
CA LYS B 117 0.12 -9.31 -4.65
C LYS B 117 -0.07 -8.93 -6.12
N GLN B 118 1.00 -8.66 -6.82
CA GLN B 118 0.91 -8.38 -8.28
C GLN B 118 2.01 -9.13 -9.03
N GLU B 119 1.67 -9.74 -10.12
CA GLU B 119 2.71 -10.42 -10.89
C GLU B 119 3.74 -9.43 -11.44
N LYS B 120 3.35 -8.19 -11.65
CA LYS B 120 4.30 -7.16 -12.13
C LYS B 120 5.32 -6.90 -11.00
N ALA B 121 4.86 -6.83 -9.80
CA ALA B 121 5.78 -6.64 -8.67
C ALA B 121 6.68 -7.86 -8.49
N LEU B 122 6.12 -9.07 -8.63
CA LEU B 122 6.96 -10.26 -8.55
C LEU B 122 8.02 -10.24 -9.64
N MET B 123 7.65 -9.83 -10.85
CA MET B 123 8.63 -9.78 -11.93
C MET B 123 9.77 -8.83 -11.59
N LYS B 124 9.44 -7.63 -11.07
CA LYS B 124 10.48 -6.67 -10.73
C LYS B 124 11.38 -7.22 -9.64
N ALA B 125 10.80 -7.93 -8.68
CA ALA B 125 11.59 -8.50 -7.60
C ALA B 125 12.52 -9.60 -8.11
N VAL B 126 12.00 -10.48 -8.97
CA VAL B 126 12.84 -11.53 -9.53
C VAL B 126 13.98 -10.90 -10.33
N ALA B 127 13.68 -9.82 -11.05
CA ALA B 127 14.70 -9.22 -11.90
C ALA B 127 15.78 -8.51 -11.10
N THR B 128 15.46 -7.99 -9.91
CA THR B 128 16.38 -7.11 -9.22
C THR B 128 16.84 -7.60 -7.85
N VAL B 129 16.18 -8.60 -7.28
CA VAL B 129 16.53 -9.12 -5.96
C VAL B 129 17.27 -10.45 -6.06
N GLY B 130 16.74 -11.38 -6.86
CA GLY B 130 17.24 -12.73 -6.92
C GLY B 130 16.08 -13.72 -6.79
N PRO B 131 16.40 -14.98 -6.50
CA PRO B 131 15.33 -15.97 -6.31
C PRO B 131 14.36 -15.56 -5.20
N ILE B 132 13.08 -15.83 -5.42
CA ILE B 132 11.99 -15.37 -4.55
C ILE B 132 11.20 -16.58 -4.05
N SER B 133 10.97 -16.65 -2.74
CA SER B 133 10.06 -17.67 -2.21
C SER B 133 8.62 -17.36 -2.60
N VAL B 134 7.89 -18.37 -3.06
CA VAL B 134 6.48 -18.21 -3.39
C VAL B 134 5.71 -19.43 -2.91
N ALA B 135 4.41 -19.25 -2.74
CA ALA B 135 3.52 -20.37 -2.50
C ALA B 135 2.58 -20.51 -3.68
N ILE B 136 2.27 -21.76 -4.03
CA ILE B 136 1.40 -22.03 -5.16
C ILE B 136 0.38 -23.06 -4.74
N ASP B 137 -0.72 -23.09 -5.48
CA ASP B 137 -1.70 -24.17 -5.39
C ASP B 137 -1.14 -25.32 -6.22
N ALA B 138 -0.50 -26.28 -5.55
CA ALA B 138 0.02 -27.49 -6.17
C ALA B 138 -0.84 -28.71 -5.86
N GLY B 139 -2.07 -28.50 -5.43
CA GLY B 139 -2.91 -29.58 -4.96
C GLY B 139 -3.75 -30.24 -6.04
N HIS B 140 -3.19 -30.37 -7.23
CA HIS B 140 -3.85 -31.02 -8.35
C HIS B 140 -2.93 -32.08 -8.93
N GLU B 141 -3.50 -33.20 -9.38
CA GLU B 141 -2.61 -34.26 -9.85
C GLU B 141 -1.82 -33.83 -11.08
N SER B 142 -2.32 -32.87 -11.87
CA SER B 142 -1.53 -32.35 -12.99
C SER B 142 -0.17 -31.85 -12.52
N PHE B 143 -0.10 -31.28 -11.32
CA PHE B 143 1.19 -30.84 -10.81
C PHE B 143 2.06 -32.02 -10.40
N LEU B 144 1.47 -33.00 -9.71
CA LEU B 144 2.18 -34.22 -9.33
C LEU B 144 2.81 -34.87 -10.56
N PHE B 145 2.09 -34.87 -11.67
CA PHE B 145 2.47 -35.59 -12.88
C PHE B 145 3.24 -34.74 -13.87
N TYR B 146 3.54 -33.49 -13.52
CA TYR B 146 4.14 -32.59 -14.50
C TYR B 146 5.52 -33.09 -14.93
N LYS B 147 5.77 -33.01 -16.22
CA LYS B 147 7.03 -33.46 -16.80
C LYS B 147 7.73 -32.39 -17.60
N GLU B 148 7.00 -31.63 -18.42
CA GLU B 148 7.59 -30.63 -19.31
C GLU B 148 6.52 -29.64 -19.71
N GLY B 149 6.96 -28.47 -20.20
CA GLY B 149 6.07 -27.49 -20.79
C GLY B 149 5.64 -26.40 -19.82
N ILE B 150 4.75 -25.53 -20.29
CA ILE B 150 4.20 -24.45 -19.47
C ILE B 150 3.01 -24.99 -18.68
N TYR B 151 3.14 -25.03 -17.37
CA TYR B 151 2.10 -25.58 -16.51
C TYR B 151 0.92 -24.61 -16.42
N PHE B 152 -0.26 -25.09 -16.79
CA PHE B 152 -1.50 -24.36 -16.58
C PHE B 152 -2.57 -25.36 -16.18
N GLU B 153 -3.22 -25.10 -15.06
CA GLU B 153 -4.22 -25.99 -14.50
C GLU B 153 -5.53 -25.23 -14.36
N PRO B 154 -6.57 -25.54 -15.14
CA PRO B 154 -7.78 -24.72 -15.11
C PRO B 154 -8.42 -24.60 -13.74
N ASP B 155 -8.23 -25.58 -12.86
CA ASP B 155 -8.84 -25.55 -11.54
C ASP B 155 -7.92 -24.94 -10.49
N CYS B 156 -6.84 -24.30 -10.89
CA CYS B 156 -5.91 -23.73 -9.91
C CYS B 156 -6.51 -22.51 -9.22
N SER B 157 -6.27 -22.41 -7.92
CA SER B 157 -6.71 -21.27 -7.13
C SER B 157 -5.63 -20.19 -7.11
N SER B 158 -6.05 -18.95 -7.22
CA SER B 158 -5.13 -17.83 -7.10
C SER B 158 -4.99 -17.34 -5.67
N GLU B 159 -5.78 -17.88 -4.74
CA GLU B 159 -5.82 -17.40 -3.36
C GLU B 159 -5.49 -18.46 -2.33
N ASP B 160 -5.76 -19.74 -2.61
CA ASP B 160 -5.57 -20.82 -1.64
C ASP B 160 -4.39 -21.67 -2.10
N MET B 161 -3.24 -21.47 -1.48
CA MET B 161 -2.00 -22.15 -1.86
C MET B 161 -1.59 -23.15 -0.79
N ASP B 162 -0.83 -24.18 -1.21
CA ASP B 162 -0.47 -25.24 -0.29
C ASP B 162 0.98 -25.71 -0.40
N HIS B 163 1.81 -25.02 -1.19
CA HIS B 163 3.14 -25.54 -1.49
C HIS B 163 4.12 -24.39 -1.67
N GLY B 164 5.20 -24.39 -0.88
CA GLY B 164 6.22 -23.37 -1.01
C GLY B 164 7.31 -23.82 -1.97
N VAL B 165 7.64 -22.95 -2.93
CA VAL B 165 8.65 -23.23 -3.96
C VAL B 165 9.46 -21.97 -4.19
N LEU B 166 10.30 -21.96 -5.23
CA LEU B 166 11.27 -20.89 -5.42
C LEU B 166 11.27 -20.44 -6.87
N VAL B 167 10.97 -19.16 -7.09
CA VAL B 167 11.07 -18.60 -8.43
C VAL B 167 12.51 -18.16 -8.67
N VAL B 168 13.16 -18.77 -9.67
CA VAL B 168 14.54 -18.43 -9.98
C VAL B 168 14.66 -17.65 -11.28
N GLY B 169 13.56 -17.37 -11.96
CA GLY B 169 13.64 -16.61 -13.18
C GLY B 169 12.30 -16.58 -13.88
N TYR B 170 12.31 -16.13 -15.12
CA TYR B 170 11.11 -16.09 -15.93
C TYR B 170 11.53 -15.98 -17.38
N GLY B 171 10.59 -16.29 -18.28
CA GLY B 171 10.90 -16.29 -19.68
C GLY B 171 9.66 -16.19 -20.53
N PHE B 172 9.86 -16.40 -21.82
CA PHE B 172 8.82 -16.15 -22.81
C PHE B 172 8.87 -17.25 -23.85
N GLU B 173 7.80 -17.33 -24.62
CA GLU B 173 7.71 -18.26 -25.74
C GLU B 173 8.48 -17.74 -26.95
N SER B 174 8.29 -16.46 -27.28
CA SER B 174 9.16 -15.76 -28.22
C SER B 174 9.09 -14.28 -27.89
N THR B 175 10.02 -13.52 -28.48
CA THR B 175 10.19 -12.12 -28.12
C THR B 175 8.93 -11.29 -28.32
N GLU B 176 8.00 -11.77 -29.15
CA GLU B 176 6.87 -10.95 -29.56
C GLU B 176 5.53 -11.53 -29.13
N SER B 177 5.53 -12.60 -28.33
CA SER B 177 4.30 -13.26 -27.92
C SER B 177 3.99 -12.97 -26.45
N ASP B 178 2.75 -12.56 -26.19
CA ASP B 178 2.22 -12.53 -24.83
C ASP B 178 1.86 -13.93 -24.34
N ASN B 179 1.84 -14.91 -25.23
CA ASN B 179 1.37 -16.24 -24.88
C ASN B 179 2.45 -17.05 -24.20
N ASN B 180 2.04 -17.83 -23.21
CA ASN B 180 2.91 -18.83 -22.62
C ASN B 180 4.22 -18.22 -22.11
N LYS B 181 4.11 -17.03 -21.53
CA LYS B 181 5.17 -16.59 -20.63
C LYS B 181 5.18 -17.50 -19.41
N TYR B 182 6.34 -17.56 -18.74
CA TYR B 182 6.40 -18.49 -17.62
C TYR B 182 7.33 -17.98 -16.52
N TRP B 183 7.03 -18.41 -15.31
CA TRP B 183 7.93 -18.34 -14.18
C TRP B 183 8.76 -19.62 -14.14
N LEU B 184 10.05 -19.47 -13.91
CA LEU B 184 10.94 -20.63 -13.78
C LEU B 184 11.03 -20.98 -12.31
N VAL B 185 10.50 -22.15 -11.93
CA VAL B 185 10.26 -22.49 -10.53
C VAL B 185 11.06 -23.73 -10.15
N LYS B 186 11.86 -23.62 -9.09
CA LYS B 186 12.59 -24.73 -8.51
C LYS B 186 11.69 -25.41 -7.48
N ASN B 187 11.45 -26.71 -7.64
CA ASN B 187 10.68 -27.47 -6.67
C ASN B 187 11.64 -28.23 -5.76
N SER B 188 11.12 -28.96 -4.77
CA SER B 188 11.96 -29.69 -3.81
C SER B 188 11.52 -31.13 -3.73
N TRP B 189 11.23 -31.70 -4.89
CA TRP B 189 10.76 -33.08 -4.99
C TRP B 189 11.78 -33.94 -5.72
N GLY B 190 13.04 -33.52 -5.75
CA GLY B 190 14.07 -34.25 -6.45
C GLY B 190 14.12 -33.94 -7.92
N GLU B 191 15.18 -34.39 -8.57
CA GLU B 191 15.36 -33.97 -9.95
C GLU B 191 14.64 -34.89 -10.93
N GLU B 192 14.00 -35.91 -10.44
N GLU B 192 14.07 -36.02 -10.47
CA GLU B 192 13.26 -36.84 -11.31
CA GLU B 192 13.23 -36.85 -11.35
C GLU B 192 11.86 -36.27 -11.60
C GLU B 192 11.94 -36.13 -11.70
N TRP B 193 11.37 -35.41 -10.74
CA TRP B 193 10.09 -34.75 -10.98
C TRP B 193 10.28 -33.62 -11.98
N GLY B 194 9.30 -33.44 -12.86
CA GLY B 194 9.37 -32.29 -13.74
C GLY B 194 10.58 -32.25 -14.64
N MET B 195 11.05 -31.02 -14.89
CA MET B 195 12.15 -30.75 -15.82
C MET B 195 13.41 -30.60 -14.97
N GLY B 196 14.03 -31.74 -14.67
CA GLY B 196 15.15 -31.77 -13.76
C GLY B 196 14.81 -31.22 -12.40
N GLY B 197 13.55 -31.35 -11.96
CA GLY B 197 13.14 -30.77 -10.71
C GLY B 197 12.54 -29.39 -10.79
N TYR B 198 12.46 -28.80 -11.97
CA TYR B 198 11.93 -27.48 -12.22
C TYR B 198 10.59 -27.58 -12.94
N VAL B 199 9.79 -26.51 -12.83
CA VAL B 199 8.53 -26.40 -13.56
C VAL B 199 8.44 -24.98 -14.11
N LYS B 200 7.94 -24.85 -15.34
CA LYS B 200 7.62 -23.55 -15.90
C LYS B 200 6.15 -23.27 -15.62
N MET B 201 5.86 -22.30 -14.77
N MET B 201 5.87 -22.33 -14.73
CA MET B 201 4.49 -22.00 -14.39
CA MET B 201 4.49 -21.98 -14.37
C MET B 201 3.96 -20.79 -15.14
C MET B 201 3.99 -20.82 -15.21
N ALA B 202 2.72 -20.91 -15.62
CA ALA B 202 2.12 -19.84 -16.41
C ALA B 202 2.26 -18.48 -15.73
N LYS B 203 2.75 -17.50 -16.47
CA LYS B 203 3.03 -16.16 -15.99
C LYS B 203 2.15 -15.15 -16.70
N ASP B 204 1.64 -14.20 -15.92
CA ASP B 204 0.76 -13.13 -16.41
C ASP B 204 -0.55 -13.69 -16.96
N ARG B 205 -1.03 -14.78 -16.35
CA ARG B 205 -2.34 -15.35 -16.63
C ARG B 205 -3.18 -15.30 -15.36
N ARG B 206 -3.50 -14.07 -14.94
CA ARG B 206 -4.35 -13.83 -13.78
C ARG B 206 -3.81 -14.50 -12.52
N ASN B 207 -2.51 -14.33 -12.28
CA ASN B 207 -1.88 -14.82 -11.06
C ASN B 207 -2.15 -16.32 -10.87
N HIS B 208 -1.75 -17.08 -11.89
CA HIS B 208 -2.12 -18.48 -11.96
C HIS B 208 -1.53 -19.26 -10.80
N CYS B 209 -2.37 -20.06 -10.15
CA CYS B 209 -2.02 -20.86 -8.98
C CYS B 209 -1.54 -20.03 -7.80
N GLY B 210 -1.75 -18.71 -7.85
CA GLY B 210 -1.45 -17.86 -6.71
C GLY B 210 0.01 -17.53 -6.54
N ILE B 211 0.80 -17.66 -7.60
CA ILE B 211 2.24 -17.55 -7.46
C ILE B 211 2.66 -16.19 -6.93
N ALA B 212 1.85 -15.15 -7.14
CA ALA B 212 2.20 -13.83 -6.64
C ALA B 212 1.49 -13.49 -5.33
N SER B 213 0.74 -14.43 -4.76
CA SER B 213 -0.08 -14.14 -3.60
C SER B 213 0.66 -14.25 -2.26
N ALA B 214 1.81 -14.91 -2.24
CA ALA B 214 2.56 -15.09 -1.00
C ALA B 214 4.06 -15.13 -1.33
N ALA B 215 4.54 -14.11 -2.03
CA ALA B 215 5.93 -14.05 -2.48
C ALA B 215 6.75 -13.25 -1.47
N SER B 216 7.92 -13.77 -1.09
CA SER B 216 8.72 -13.07 -0.09
C SER B 216 10.19 -13.47 -0.22
N TYR B 217 11.04 -12.75 0.50
CA TYR B 217 12.45 -13.08 0.53
C TYR B 217 13.07 -12.48 1.77
N PRO B 218 14.20 -13.01 2.22
CA PRO B 218 14.82 -12.49 3.44
C PRO B 218 15.60 -11.21 3.20
N THR B 219 15.61 -10.36 4.23
CA THR B 219 16.40 -9.13 4.26
C THR B 219 17.84 -9.44 4.63
N VAL B 220 18.77 -9.22 3.70
CA VAL B 220 20.18 -9.52 3.92
C VAL B 220 21.03 -8.34 3.49
N ALA C 1 -30.97 21.50 -9.06
CA ALA C 1 -30.31 20.26 -8.67
C ALA C 1 -30.21 20.19 -7.15
N PRO C 2 -30.01 18.98 -6.62
CA PRO C 2 -29.87 18.84 -5.16
C PRO C 2 -28.64 19.59 -4.66
N ARG C 3 -28.65 19.97 -3.38
CA ARG C 3 -27.51 20.74 -2.84
C ARG C 3 -26.28 19.84 -2.75
N SER C 4 -26.44 18.54 -2.53
CA SER C 4 -25.29 17.65 -2.53
C SER C 4 -25.66 16.33 -3.19
N VAL C 5 -24.65 15.67 -3.75
CA VAL C 5 -24.80 14.40 -4.46
C VAL C 5 -23.61 13.51 -4.13
N ASP C 6 -23.86 12.22 -3.94
CA ASP C 6 -22.77 11.25 -3.74
C ASP C 6 -23.23 9.92 -4.32
N TRP C 7 -22.86 9.65 -5.57
CA TRP C 7 -23.32 8.43 -6.22
C TRP C 7 -22.79 7.16 -5.57
N ARG C 8 -21.78 7.24 -4.70
CA ARG C 8 -21.33 6.04 -4.00
C ARG C 8 -22.45 5.46 -3.14
N GLU C 9 -23.27 6.32 -2.57
CA GLU C 9 -24.34 5.85 -1.68
C GLU C 9 -25.47 5.18 -2.45
N LYS C 10 -25.53 5.39 -3.77
CA LYS C 10 -26.54 4.77 -4.62
C LYS C 10 -26.05 3.49 -5.29
N GLY C 11 -24.79 3.10 -5.08
CA GLY C 11 -24.27 1.87 -5.65
C GLY C 11 -23.66 2.00 -7.02
N TYR C 12 -23.31 3.21 -7.46
CA TYR C 12 -22.80 3.45 -8.81
C TYR C 12 -21.30 3.28 -8.94
N VAL C 13 -20.55 3.10 -7.85
CA VAL C 13 -19.11 3.33 -7.86
C VAL C 13 -18.38 2.12 -7.28
N THR C 14 -17.42 1.60 -8.04
CA THR C 14 -16.56 0.50 -7.58
C THR C 14 -15.52 1.04 -6.62
N PRO C 15 -14.79 0.15 -5.94
CA PRO C 15 -13.69 0.62 -5.10
C PRO C 15 -12.61 1.33 -5.89
N VAL C 16 -11.81 2.10 -5.16
CA VAL C 16 -10.68 2.81 -5.74
C VAL C 16 -9.66 1.82 -6.26
N LYS C 17 -9.14 2.09 -7.44
CA LYS C 17 -8.17 1.26 -8.14
C LYS C 17 -6.85 2.00 -8.20
N ASN C 18 -5.80 1.33 -8.69
CA ASN C 18 -4.48 1.95 -8.79
C ASN C 18 -3.90 1.69 -10.17
N GLN C 19 -3.67 2.77 -10.94
CA GLN C 19 -3.09 2.61 -12.25
C GLN C 19 -1.62 2.25 -12.20
N GLY C 20 -1.01 2.28 -11.01
CA GLY C 20 0.41 1.95 -10.97
C GLY C 20 1.23 3.00 -11.68
N GLN C 21 2.34 2.56 -12.26
CA GLN C 21 3.29 3.43 -12.96
C GLN C 21 3.06 3.42 -14.46
N CYS C 22 1.81 3.57 -14.85
CA CYS C 22 1.38 3.60 -16.25
C CYS C 22 0.45 4.78 -16.42
N GLY C 23 0.63 5.55 -17.48
CA GLY C 23 -0.17 6.74 -17.69
C GLY C 23 -1.56 6.45 -18.23
N SER C 24 -2.28 5.55 -17.56
CA SER C 24 -3.56 5.05 -18.05
C SER C 24 -4.75 5.68 -17.34
N CYS C 25 -4.55 6.84 -16.71
CA CYS C 25 -5.63 7.49 -15.97
C CYS C 25 -6.91 7.59 -16.81
N TRP C 26 -6.76 7.91 -18.09
CA TRP C 26 -7.91 8.03 -18.98
C TRP C 26 -8.75 6.75 -18.99
N ALA C 27 -8.10 5.59 -18.90
CA ALA C 27 -8.83 4.33 -18.94
C ALA C 27 -9.58 4.10 -17.64
N PHE C 28 -9.00 4.51 -16.50
CA PHE C 28 -9.71 4.39 -15.23
C PHE C 28 -10.86 5.39 -15.13
N SER C 29 -10.68 6.59 -15.66
CA SER C 29 -11.80 7.53 -15.74
C SER C 29 -12.93 6.94 -16.57
N ALA C 30 -12.58 6.32 -17.71
CA ALA C 30 -13.60 5.79 -18.61
C ALA C 30 -14.33 4.60 -17.99
N THR C 31 -13.59 3.65 -17.42
CA THR C 31 -14.28 2.52 -16.80
C THR C 31 -15.15 3.00 -15.63
N GLY C 32 -14.69 4.01 -14.90
CA GLY C 32 -15.49 4.54 -13.81
C GLY C 32 -16.82 5.08 -14.30
N ALA C 33 -16.79 5.88 -15.38
CA ALA C 33 -18.03 6.42 -15.91
C ALA C 33 -18.91 5.32 -16.49
N LEU C 34 -18.31 4.37 -17.21
CA LEU C 34 -19.10 3.28 -17.79
C LEU C 34 -19.65 2.35 -16.69
N GLU C 35 -18.88 2.12 -15.62
CA GLU C 35 -19.42 1.37 -14.49
C GLU C 35 -20.67 2.02 -13.95
N GLY C 36 -20.66 3.34 -13.81
CA GLY C 36 -21.83 4.04 -13.30
C GLY C 36 -23.02 3.94 -14.23
N GLN C 37 -22.79 4.10 -15.54
CA GLN C 37 -23.92 4.09 -16.46
C GLN C 37 -24.46 2.68 -16.65
N MET C 38 -23.58 1.67 -16.61
CA MET C 38 -24.03 0.28 -16.66
C MET C 38 -24.89 -0.05 -15.44
N PHE C 39 -24.52 0.45 -14.26
CA PHE C 39 -25.35 0.24 -13.08
C PHE C 39 -26.68 0.97 -13.21
N ARG C 40 -26.65 2.22 -13.71
CA ARG C 40 -27.89 2.95 -13.94
C ARG C 40 -28.83 2.17 -14.85
N LYS C 41 -28.27 1.51 -15.83
CA LYS C 41 -29.09 0.80 -16.82
C LYS C 41 -29.56 -0.57 -16.33
N THR C 42 -28.76 -1.30 -15.59
CA THR C 42 -29.02 -2.69 -15.28
C THR C 42 -29.16 -3.02 -13.80
N GLY C 43 -28.69 -2.16 -12.90
CA GLY C 43 -28.69 -2.48 -11.50
C GLY C 43 -27.54 -3.35 -11.04
N ARG C 44 -26.62 -3.71 -11.94
CA ARG C 44 -25.44 -4.48 -11.60
C ARG C 44 -24.22 -3.56 -11.65
N LEU C 45 -23.43 -3.58 -10.60
CA LEU C 45 -22.15 -2.90 -10.57
C LEU C 45 -21.06 -3.94 -10.80
N ILE C 46 -20.42 -3.88 -11.97
CA ILE C 46 -19.37 -4.82 -12.31
C ILE C 46 -18.12 -4.02 -12.70
N SER C 47 -17.02 -4.31 -12.02
CA SER C 47 -15.74 -3.69 -12.35
C SER C 47 -15.31 -4.04 -13.77
N LEU C 48 -14.88 -3.04 -14.53
CA LEU C 48 -14.56 -3.16 -15.95
C LEU C 48 -13.06 -3.07 -16.18
N SER C 49 -12.63 -3.56 -17.35
CA SER C 49 -11.20 -3.80 -17.62
C SER C 49 -10.53 -2.57 -18.22
N GLU C 50 -9.69 -1.90 -17.42
CA GLU C 50 -8.82 -0.87 -17.97
C GLU C 50 -7.80 -1.47 -18.95
N GLN C 51 -7.30 -2.68 -18.67
CA GLN C 51 -6.33 -3.29 -19.56
C GLN C 51 -6.90 -3.48 -20.95
N ASN C 52 -8.16 -3.88 -21.05
CA ASN C 52 -8.85 -3.99 -22.34
C ASN C 52 -8.75 -2.67 -23.10
N LEU C 53 -8.98 -1.55 -22.41
CA LEU C 53 -8.88 -0.25 -23.07
C LEU C 53 -7.43 0.06 -23.45
N VAL C 54 -6.49 -0.20 -22.54
CA VAL C 54 -5.09 0.11 -22.81
C VAL C 54 -4.59 -0.67 -24.02
N ASP C 55 -4.96 -1.95 -24.12
CA ASP C 55 -4.42 -2.80 -25.17
C ASP C 55 -5.14 -2.63 -26.50
N CYS C 56 -6.39 -2.17 -26.50
CA CYS C 56 -7.25 -2.37 -27.65
C CYS C 56 -7.78 -1.10 -28.29
N SER C 57 -7.76 0.04 -27.61
CA SER C 57 -8.42 1.23 -28.14
C SER C 57 -7.45 2.17 -28.86
N GLY C 58 -6.30 1.64 -29.31
CA GLY C 58 -5.44 2.41 -30.18
C GLY C 58 -6.09 2.94 -31.44
N PRO C 59 -6.93 2.15 -32.12
CA PRO C 59 -7.52 2.66 -33.38
C PRO C 59 -8.42 3.85 -33.16
N GLN C 60 -8.97 4.01 -31.96
CA GLN C 60 -9.78 5.19 -31.64
C GLN C 60 -8.93 6.40 -31.28
N GLY C 61 -7.62 6.23 -31.11
CA GLY C 61 -6.72 7.33 -30.85
C GLY C 61 -5.98 7.25 -29.52
N ASN C 62 -6.23 6.24 -28.71
CA ASN C 62 -5.56 6.13 -27.42
C ASN C 62 -4.16 5.54 -27.58
N GLU C 63 -3.32 5.82 -26.58
CA GLU C 63 -1.92 5.47 -26.65
C GLU C 63 -1.46 4.77 -25.37
N GLY C 64 -2.33 3.93 -24.80
CA GLY C 64 -1.92 3.07 -23.71
C GLY C 64 -1.39 3.85 -22.51
N CYS C 65 -0.21 3.45 -22.04
CA CYS C 65 0.39 4.15 -20.91
C CYS C 65 0.94 5.51 -21.30
N ASN C 66 0.92 5.87 -22.58
CA ASN C 66 1.36 7.18 -23.01
C ASN C 66 0.22 8.18 -23.15
N GLY C 67 -0.97 7.82 -22.68
CA GLY C 67 -2.04 8.80 -22.66
C GLY C 67 -3.20 8.44 -23.54
N GLY C 68 -4.33 9.09 -23.32
CA GLY C 68 -5.53 8.81 -24.10
C GLY C 68 -6.63 9.75 -23.69
N LEU C 69 -7.80 9.53 -24.28
CA LEU C 69 -8.99 10.32 -23.94
C LEU C 69 -10.12 9.39 -23.54
N MET C 70 -10.88 9.82 -22.54
CA MET C 70 -12.05 9.04 -22.14
C MET C 70 -13.02 8.88 -23.31
N ASP C 71 -13.22 9.93 -24.11
CA ASP C 71 -14.13 9.83 -25.24
C ASP C 71 -13.66 8.76 -26.23
N TYR C 72 -12.35 8.68 -26.46
CA TYR C 72 -11.83 7.63 -27.33
C TYR C 72 -12.13 6.25 -26.76
N ALA C 73 -12.02 6.09 -25.44
CA ALA C 73 -12.38 4.83 -24.82
C ALA C 73 -13.85 4.52 -25.02
N PHE C 74 -14.73 5.51 -24.85
CA PHE C 74 -16.16 5.27 -25.07
C PHE C 74 -16.42 4.90 -26.52
N GLN C 75 -15.70 5.53 -27.45
CA GLN C 75 -15.85 5.19 -28.85
C GLN C 75 -15.40 3.77 -29.12
N TYR C 76 -14.32 3.33 -28.48
CA TYR C 76 -13.85 1.95 -28.66
C TYR C 76 -14.93 0.96 -28.23
N VAL C 77 -15.53 1.16 -27.06
CA VAL C 77 -16.53 0.22 -26.58
C VAL C 77 -17.68 0.12 -27.59
N GLN C 78 -18.08 1.26 -28.17
CA GLN C 78 -19.13 1.24 -29.17
C GLN C 78 -18.67 0.51 -30.43
N ASP C 79 -17.50 0.88 -30.95
CA ASP C 79 -16.98 0.24 -32.17
C ASP C 79 -16.81 -1.26 -31.97
N ASN C 80 -16.37 -1.67 -30.78
CA ASN C 80 -16.00 -3.04 -30.49
C ASN C 80 -17.21 -3.90 -30.16
N GLY C 81 -18.31 -3.28 -29.76
CA GLY C 81 -19.46 -4.03 -29.32
C GLY C 81 -19.35 -4.62 -27.94
N GLY C 82 -18.40 -4.17 -27.12
CA GLY C 82 -18.33 -4.71 -25.77
C GLY C 82 -17.05 -4.31 -25.08
N LEU C 83 -16.99 -4.66 -23.80
CA LEU C 83 -15.84 -4.41 -22.95
C LEU C 83 -15.80 -5.49 -21.88
N ASP C 84 -14.64 -6.08 -21.67
CA ASP C 84 -14.51 -7.20 -20.75
C ASP C 84 -14.51 -6.71 -19.29
N SER C 85 -14.85 -7.62 -18.40
CA SER C 85 -14.83 -7.31 -16.98
C SER C 85 -13.39 -7.21 -16.48
N GLU C 86 -13.23 -6.48 -15.38
CA GLU C 86 -11.95 -6.44 -14.69
C GLU C 86 -11.48 -7.85 -14.33
N GLU C 87 -12.39 -8.70 -13.84
CA GLU C 87 -12.01 -10.04 -13.41
C GLU C 87 -11.48 -10.88 -14.56
N SER C 88 -12.11 -10.79 -15.74
CA SER C 88 -11.70 -11.61 -16.88
C SER C 88 -10.43 -11.09 -17.55
N TYR C 89 -10.10 -9.81 -17.38
CA TYR C 89 -9.05 -9.15 -18.15
C TYR C 89 -8.37 -8.15 -17.22
N PRO C 90 -7.67 -8.64 -16.20
CA PRO C 90 -7.21 -7.76 -15.12
C PRO C 90 -6.03 -6.90 -15.53
N TYR C 91 -5.71 -5.96 -14.65
CA TYR C 91 -4.83 -4.86 -14.97
C TYR C 91 -3.36 -5.26 -14.83
N GLU C 92 -2.58 -5.01 -15.88
CA GLU C 92 -1.16 -5.34 -15.90
C GLU C 92 -0.25 -4.13 -15.81
N ALA C 93 -0.79 -2.91 -15.92
CA ALA C 93 -0.01 -1.68 -15.80
C ALA C 93 1.08 -1.57 -16.86
N THR C 94 0.89 -2.21 -18.00
CA THR C 94 1.78 -2.05 -19.15
C THR C 94 0.98 -2.45 -20.40
N GLU C 95 1.29 -1.82 -21.53
CA GLU C 95 0.52 -2.05 -22.74
C GLU C 95 0.98 -3.31 -23.46
N GLU C 96 0.01 -4.09 -23.93
CA GLU C 96 0.29 -5.33 -24.64
C GLU C 96 -0.70 -5.48 -25.79
N SER C 97 -0.56 -6.57 -26.53
CA SER C 97 -1.51 -6.84 -27.60
C SER C 97 -2.91 -7.06 -27.05
N CYS C 98 -3.90 -6.80 -27.89
N CYS C 98 -3.90 -6.79 -27.90
CA CYS C 98 -5.30 -6.85 -27.46
CA CYS C 98 -5.30 -6.90 -27.51
C CYS C 98 -5.76 -8.29 -27.27
C CYS C 98 -5.67 -8.35 -27.22
N LYS C 99 -6.34 -8.57 -26.10
CA LYS C 99 -6.83 -9.90 -25.75
C LYS C 99 -8.33 -9.91 -25.49
N TYR C 100 -9.05 -8.95 -26.06
CA TYR C 100 -10.49 -8.88 -25.87
C TYR C 100 -11.16 -10.19 -26.26
N ASN C 101 -12.09 -10.61 -25.42
CA ASN C 101 -12.88 -11.82 -25.65
C ASN C 101 -14.36 -11.45 -25.53
N PRO C 102 -15.14 -11.53 -26.61
CA PRO C 102 -16.55 -11.13 -26.51
C PRO C 102 -17.35 -11.97 -25.54
N LYS C 103 -16.91 -13.20 -25.25
CA LYS C 103 -17.64 -14.04 -24.30
C LYS C 103 -17.60 -13.47 -22.89
N TYR C 104 -16.65 -12.59 -22.60
CA TYR C 104 -16.55 -11.99 -21.27
C TYR C 104 -16.92 -10.52 -21.26
N SER C 105 -17.56 -10.02 -22.32
CA SER C 105 -18.02 -8.64 -22.30
C SER C 105 -19.17 -8.48 -21.30
N VAL C 106 -19.13 -7.40 -20.54
CA VAL C 106 -20.16 -7.14 -19.54
C VAL C 106 -20.68 -5.71 -19.67
N ALA C 107 -20.22 -4.99 -20.69
CA ALA C 107 -20.60 -3.60 -20.85
C ALA C 107 -20.64 -3.24 -22.32
N ASN C 108 -21.44 -2.25 -22.61
CA ASN C 108 -21.55 -1.71 -23.97
C ASN C 108 -21.93 -0.24 -23.89
N ASP C 109 -21.64 0.49 -24.93
CA ASP C 109 -22.23 1.83 -25.03
C ASP C 109 -22.49 2.15 -26.50
N ALA C 110 -23.30 3.19 -26.68
CA ALA C 110 -23.77 3.63 -27.98
C ALA C 110 -23.23 5.01 -28.33
N GLY C 111 -22.03 5.33 -27.84
CA GLY C 111 -21.45 6.64 -28.01
C GLY C 111 -21.26 7.34 -26.68
N PHE C 112 -21.19 8.67 -26.72
CA PHE C 112 -20.87 9.43 -25.53
C PHE C 112 -21.41 10.83 -25.69
N VAL C 113 -21.46 11.54 -24.57
CA VAL C 113 -22.01 12.89 -24.46
C VAL C 113 -20.94 13.77 -23.85
N ASP C 114 -20.53 14.79 -24.57
CA ASP C 114 -19.66 15.84 -24.03
C ASP C 114 -20.50 16.94 -23.40
N ILE C 115 -20.07 17.38 -22.23
CA ILE C 115 -20.77 18.39 -21.43
C ILE C 115 -20.20 19.76 -21.76
N PRO C 116 -21.03 20.80 -21.83
CA PRO C 116 -20.49 22.15 -22.04
C PRO C 116 -19.47 22.51 -20.98
N LYS C 117 -18.52 23.36 -21.37
CA LYS C 117 -17.38 23.69 -20.52
C LYS C 117 -17.74 24.75 -19.46
N GLN C 118 -18.69 24.40 -18.63
CA GLN C 118 -19.17 25.23 -17.51
C GLN C 118 -19.45 24.38 -16.28
N GLU C 119 -19.14 24.91 -15.13
CA GLU C 119 -19.39 24.13 -13.93
C GLU C 119 -20.87 23.96 -13.64
N LYS C 120 -21.71 24.91 -14.05
CA LYS C 120 -23.17 24.73 -13.88
C LYS C 120 -23.65 23.54 -14.71
N ALA C 121 -23.14 23.41 -15.93
CA ALA C 121 -23.50 22.26 -16.75
C ALA C 121 -22.98 20.96 -16.15
N LEU C 122 -21.75 20.97 -15.62
CA LEU C 122 -21.23 19.77 -15.00
C LEU C 122 -22.08 19.38 -13.80
N MET C 123 -22.52 20.35 -13.00
CA MET C 123 -23.37 20.03 -11.84
C MET C 123 -24.65 19.36 -12.29
N LYS C 124 -25.32 19.92 -13.30
CA LYS C 124 -26.55 19.33 -13.80
C LYS C 124 -26.33 17.90 -14.26
N ALA C 125 -25.20 17.64 -14.93
CA ALA C 125 -24.90 16.29 -15.39
C ALA C 125 -24.67 15.34 -14.22
N VAL C 126 -23.84 15.74 -13.27
CA VAL C 126 -23.64 14.87 -12.10
C VAL C 126 -24.97 14.57 -11.44
N ALA C 127 -25.81 15.60 -11.26
CA ALA C 127 -27.07 15.41 -10.57
C ALA C 127 -28.03 14.48 -11.31
N THR C 128 -27.99 14.47 -12.65
CA THR C 128 -29.01 13.77 -13.42
C THR C 128 -28.51 12.53 -14.15
N VAL C 129 -27.21 12.30 -14.23
CA VAL C 129 -26.66 11.22 -15.03
C VAL C 129 -25.99 10.17 -14.16
N GLY C 130 -25.14 10.60 -13.24
CA GLY C 130 -24.31 9.71 -12.48
C GLY C 130 -22.88 10.21 -12.53
N PRO C 131 -21.92 9.35 -12.19
CA PRO C 131 -20.52 9.77 -12.23
C PRO C 131 -20.09 10.22 -13.62
N ILE C 132 -19.25 11.25 -13.68
CA ILE C 132 -18.86 11.90 -14.93
C ILE C 132 -17.34 11.85 -15.07
N SER C 133 -16.87 11.40 -16.24
CA SER C 133 -15.44 11.52 -16.55
C SER C 133 -15.05 12.99 -16.72
N VAL C 134 -13.97 13.38 -16.07
CA VAL C 134 -13.40 14.72 -16.25
C VAL C 134 -11.89 14.62 -16.31
N ALA C 135 -11.28 15.67 -16.86
CA ALA C 135 -9.84 15.85 -16.82
C ALA C 135 -9.50 17.08 -16.00
N ILE C 136 -8.39 17.01 -15.27
CA ILE C 136 -7.95 18.12 -14.42
C ILE C 136 -6.46 18.35 -14.62
N ASP C 137 -6.02 19.55 -14.25
CA ASP C 137 -4.60 19.83 -14.13
C ASP C 137 -4.16 19.27 -12.77
N ALA C 138 -3.54 18.10 -12.78
CA ALA C 138 -2.98 17.51 -11.56
C ALA C 138 -1.45 17.59 -11.53
N GLY C 139 -0.87 18.49 -12.32
CA GLY C 139 0.56 18.59 -12.44
C GLY C 139 1.21 19.50 -11.43
N HIS C 140 0.80 19.39 -10.17
CA HIS C 140 1.34 20.19 -9.08
C HIS C 140 1.58 19.30 -7.88
N GLU C 141 2.64 19.56 -7.12
CA GLU C 141 2.95 18.65 -6.03
C GLU C 141 1.89 18.70 -4.95
N SER C 142 1.19 19.84 -4.81
CA SER C 142 0.09 19.89 -3.87
C SER C 142 -0.92 18.79 -4.13
N PHE C 143 -1.13 18.44 -5.41
CA PHE C 143 -2.03 17.33 -5.71
C PHE C 143 -1.41 15.99 -5.34
N LEU C 144 -0.11 15.83 -5.61
CA LEU C 144 0.53 14.57 -5.21
C LEU C 144 0.41 14.36 -3.71
N PHE C 145 0.51 15.43 -2.92
CA PHE C 145 0.57 15.35 -1.47
C PHE C 145 -0.80 15.45 -0.81
N TYR C 146 -1.87 15.54 -1.59
CA TYR C 146 -3.19 15.79 -1.02
C TYR C 146 -3.60 14.69 -0.05
N LYS C 147 -4.20 15.10 1.08
CA LYS C 147 -4.63 14.14 2.09
C LYS C 147 -6.07 14.39 2.54
N GLU C 148 -6.46 15.64 2.75
CA GLU C 148 -7.77 15.98 3.29
C GLU C 148 -8.11 17.40 2.90
N GLY C 149 -9.40 17.70 2.88
CA GLY C 149 -9.87 19.06 2.71
C GLY C 149 -10.29 19.35 1.28
N ILE C 150 -10.58 20.63 1.06
CA ILE C 150 -10.97 21.14 -0.27
C ILE C 150 -9.73 21.55 -1.04
N TYR C 151 -9.38 20.77 -2.04
CA TYR C 151 -8.17 21.04 -2.79
C TYR C 151 -8.30 22.33 -3.59
N PHE C 152 -7.35 23.23 -3.41
CA PHE C 152 -7.27 24.43 -4.23
C PHE C 152 -5.80 24.77 -4.44
N GLU C 153 -5.43 25.00 -5.69
CA GLU C 153 -4.04 25.19 -6.09
C GLU C 153 -3.94 26.49 -6.88
N PRO C 154 -3.39 27.55 -6.31
CA PRO C 154 -3.32 28.83 -7.05
C PRO C 154 -2.70 28.74 -8.43
N ASP C 155 -1.81 27.77 -8.66
CA ASP C 155 -1.12 27.67 -9.94
C ASP C 155 -1.83 26.75 -10.92
N CYS C 156 -3.02 26.27 -10.57
CA CYS C 156 -3.73 25.35 -11.45
C CYS C 156 -4.17 26.04 -12.73
N SER C 157 -4.15 25.29 -13.83
CA SER C 157 -4.61 25.78 -15.12
C SER C 157 -6.03 25.30 -15.39
N SER C 158 -6.85 26.19 -15.94
CA SER C 158 -8.21 25.84 -16.36
C SER C 158 -8.26 25.32 -17.79
N GLU C 159 -7.14 25.33 -18.52
CA GLU C 159 -7.13 24.99 -19.93
C GLU C 159 -6.20 23.85 -20.29
N ASP C 160 -5.21 23.54 -19.45
CA ASP C 160 -4.18 22.55 -19.73
C ASP C 160 -4.28 21.44 -18.69
N MET C 161 -5.10 20.43 -18.98
CA MET C 161 -5.34 19.33 -18.07
C MET C 161 -4.47 18.14 -18.46
N ASP C 162 -4.16 17.29 -17.46
CA ASP C 162 -3.25 16.18 -17.73
C ASP C 162 -3.69 14.88 -17.07
N HIS C 163 -4.88 14.83 -16.48
CA HIS C 163 -5.23 13.71 -15.62
C HIS C 163 -6.72 13.44 -15.69
N GLY C 164 -7.09 12.24 -16.13
CA GLY C 164 -8.49 11.85 -16.19
C GLY C 164 -8.91 11.27 -14.86
N VAL C 165 -10.02 11.77 -14.31
CA VAL C 165 -10.56 11.29 -13.04
C VAL C 165 -12.08 11.22 -13.16
N LEU C 166 -12.77 10.99 -12.05
CA LEU C 166 -14.20 10.72 -12.08
C LEU C 166 -14.89 11.53 -11.00
N VAL C 167 -15.86 12.35 -11.41
CA VAL C 167 -16.67 13.10 -10.46
C VAL C 167 -17.83 12.22 -10.05
N VAL C 168 -17.89 11.87 -8.77
CA VAL C 168 -18.95 11.02 -8.26
C VAL C 168 -19.96 11.80 -7.43
N GLY C 169 -19.80 13.11 -7.30
CA GLY C 169 -20.72 13.91 -6.51
C GLY C 169 -20.20 15.31 -6.30
N TYR C 170 -20.87 16.01 -5.39
CA TYR C 170 -20.48 17.36 -5.04
C TYR C 170 -21.17 17.71 -3.73
N GLY C 171 -20.68 18.77 -3.10
CA GLY C 171 -21.24 19.16 -1.83
C GLY C 171 -20.85 20.58 -1.47
N PHE C 172 -21.09 20.92 -0.21
CA PHE C 172 -20.91 22.27 0.24
C PHE C 172 -20.34 22.26 1.64
N GLU C 173 -19.80 23.42 2.03
CA GLU C 173 -19.29 23.61 3.37
C GLU C 173 -20.45 23.71 4.37
N SER C 174 -21.43 24.56 4.08
CA SER C 174 -22.64 24.69 4.89
C SER C 174 -23.74 25.37 4.08
N ASN C 179 -19.45 29.34 -0.02
CA ASN C 179 -18.01 29.22 0.20
C ASN C 179 -17.58 27.76 0.26
N ASN C 180 -16.45 27.46 -0.38
CA ASN C 180 -15.82 26.14 -0.27
C ASN C 180 -16.77 25.02 -0.66
N LYS C 181 -17.48 25.21 -1.76
CA LYS C 181 -18.16 24.08 -2.39
C LYS C 181 -17.11 23.19 -3.04
N TYR C 182 -17.48 21.94 -3.28
CA TYR C 182 -16.50 20.99 -3.81
C TYR C 182 -17.14 19.97 -4.73
N TRP C 183 -16.32 19.46 -5.65
CA TRP C 183 -16.59 18.24 -6.41
C TRP C 183 -15.99 17.05 -5.68
N LEU C 184 -16.76 15.98 -5.54
CA LEU C 184 -16.26 14.73 -4.97
C LEU C 184 -15.67 13.87 -6.09
N VAL C 185 -14.35 13.65 -6.05
CA VAL C 185 -13.62 13.10 -7.18
C VAL C 185 -12.93 11.80 -6.79
N LYS C 186 -13.14 10.76 -7.58
CA LYS C 186 -12.46 9.49 -7.41
C LYS C 186 -11.20 9.47 -8.27
N ASN C 187 -10.05 9.23 -7.65
CA ASN C 187 -8.78 9.12 -8.37
C ASN C 187 -8.46 7.64 -8.57
N SER C 188 -7.36 7.36 -9.27
CA SER C 188 -6.93 6.00 -9.56
C SER C 188 -5.48 5.79 -9.16
N TRP C 189 -5.10 6.37 -8.02
CA TRP C 189 -3.75 6.21 -7.47
C TRP C 189 -3.75 5.37 -6.19
N GLY C 190 -4.77 4.55 -6.01
CA GLY C 190 -4.87 3.70 -4.84
C GLY C 190 -5.46 4.42 -3.64
N GLU C 191 -5.67 3.64 -2.58
CA GLU C 191 -6.39 4.08 -1.40
C GLU C 191 -5.54 4.91 -0.45
N GLU C 192 -4.21 4.78 -0.51
CA GLU C 192 -3.39 5.59 0.38
C GLU C 192 -3.46 7.06 0.00
N TRP C 193 -3.44 7.37 -1.28
CA TRP C 193 -3.52 8.75 -1.73
C TRP C 193 -4.81 9.40 -1.26
N GLY C 194 -4.70 10.66 -0.84
CA GLY C 194 -5.89 11.45 -0.55
C GLY C 194 -6.74 10.86 0.55
N MET C 195 -8.05 11.02 0.40
CA MET C 195 -9.03 10.57 1.39
C MET C 195 -9.55 9.21 0.93
N GLY C 196 -8.84 8.15 1.30
CA GLY C 196 -9.19 6.84 0.78
C GLY C 196 -9.15 6.78 -0.73
N GLY C 197 -8.33 7.60 -1.36
CA GLY C 197 -8.27 7.64 -2.81
C GLY C 197 -9.18 8.67 -3.45
N TYR C 198 -9.91 9.44 -2.64
CA TYR C 198 -10.79 10.50 -3.11
C TYR C 198 -10.21 11.87 -2.80
N VAL C 199 -10.67 12.86 -3.55
CA VAL C 199 -10.27 14.26 -3.33
C VAL C 199 -11.51 15.14 -3.47
N LYS C 200 -11.63 16.14 -2.60
CA LYS C 200 -12.62 17.18 -2.77
C LYS C 200 -11.96 18.33 -3.51
N MET C 201 -12.41 18.59 -4.73
CA MET C 201 -11.86 19.64 -5.58
CA MET C 201 -11.85 19.65 -5.56
C MET C 201 -12.74 20.87 -5.51
N ALA C 202 -12.11 22.05 -5.44
CA ALA C 202 -12.85 23.30 -5.37
C ALA C 202 -13.89 23.39 -6.49
N LYS C 203 -15.12 23.69 -6.10
CA LYS C 203 -16.25 23.79 -7.03
C LYS C 203 -16.73 25.24 -7.09
N ASP C 204 -16.95 25.73 -8.31
CA ASP C 204 -17.46 27.08 -8.53
C ASP C 204 -16.43 28.14 -8.16
N ARG C 205 -15.16 27.86 -8.43
CA ARG C 205 -14.07 28.80 -8.28
C ARG C 205 -13.35 28.92 -9.62
N ARG C 206 -14.08 29.44 -10.60
CA ARG C 206 -13.53 29.77 -11.92
C ARG C 206 -13.00 28.52 -12.63
N ASN C 207 -13.70 27.42 -12.53
CA ASN C 207 -13.32 26.18 -13.20
C ASN C 207 -11.90 25.77 -12.79
N HIS C 208 -11.80 25.59 -11.53
CA HIS C 208 -10.47 25.31 -10.95
C HIS C 208 -9.90 24.00 -11.51
N CYS C 209 -8.67 24.06 -11.97
CA CYS C 209 -7.92 22.91 -12.52
C CYS C 209 -8.60 22.40 -13.79
N GLY C 210 -9.53 23.14 -14.38
CA GLY C 210 -10.11 22.72 -15.64
C GLY C 210 -11.11 21.59 -15.53
N ILE C 211 -11.70 21.40 -14.34
CA ILE C 211 -12.52 20.22 -14.09
C ILE C 211 -13.76 20.16 -14.97
N ALA C 212 -14.22 21.29 -15.49
CA ALA C 212 -15.37 21.31 -16.38
C ALA C 212 -14.98 21.42 -17.85
N SER C 213 -13.69 21.43 -18.16
CA SER C 213 -13.24 21.71 -19.53
C SER C 213 -13.24 20.49 -20.43
N ALA C 214 -13.35 19.29 -19.88
CA ALA C 214 -13.29 18.07 -20.67
C ALA C 214 -14.11 16.97 -19.99
N ALA C 215 -15.37 17.28 -19.71
CA ALA C 215 -16.28 16.39 -19.00
C ALA C 215 -17.16 15.64 -19.98
N SER C 216 -17.38 14.34 -19.72
CA SER C 216 -18.19 13.53 -20.65
C SER C 216 -18.64 12.25 -19.95
N TYR C 217 -19.59 11.57 -20.58
CA TYR C 217 -19.99 10.26 -20.07
C TYR C 217 -20.47 9.40 -21.23
N PRO C 218 -20.49 8.09 -21.05
CA PRO C 218 -20.95 7.20 -22.12
C PRO C 218 -22.46 7.08 -22.17
N THR C 219 -22.97 6.90 -23.39
CA THR C 219 -24.39 6.66 -23.62
C THR C 219 -24.65 5.15 -23.56
N VAL C 220 -25.50 4.77 -22.66
CA VAL C 220 -25.78 3.32 -22.51
C VAL C 220 -27.27 3.06 -22.77
N ALA D 1 25.12 4.09 21.40
CA ALA D 1 24.37 5.33 21.22
C ALA D 1 23.19 5.37 22.20
N PRO D 2 22.56 6.54 22.36
CA PRO D 2 21.29 6.59 23.08
C PRO D 2 20.24 5.76 22.36
N ARG D 3 19.19 5.42 23.09
CA ARG D 3 18.11 4.65 22.49
C ARG D 3 17.33 5.49 21.49
N SER D 4 17.31 6.81 21.66
N SER D 4 17.28 6.81 21.68
CA SER D 4 16.61 7.70 20.74
CA SER D 4 16.58 7.72 20.78
C SER D 4 17.31 9.05 20.75
C SER D 4 17.33 9.05 20.75
N VAL D 5 17.22 9.75 19.62
CA VAL D 5 17.82 11.08 19.46
C VAL D 5 16.85 11.93 18.66
N ASP D 6 16.75 13.22 19.01
CA ASP D 6 15.96 14.16 18.21
C ASP D 6 16.64 15.53 18.34
N TRP D 7 17.48 15.86 17.36
CA TRP D 7 18.24 17.10 17.43
C TRP D 7 17.35 18.34 17.30
N ARG D 8 16.11 18.20 16.86
CA ARG D 8 15.22 19.35 16.83
C ARG D 8 15.01 19.89 18.24
N GLU D 9 14.95 19.00 19.23
CA GLU D 9 14.72 19.43 20.61
C GLU D 9 15.91 20.16 21.20
N LYS D 10 17.09 20.07 20.56
CA LYS D 10 18.30 20.72 21.05
C LYS D 10 18.64 21.99 20.28
N GLY D 11 17.81 22.38 19.30
CA GLY D 11 18.00 23.65 18.60
C GLY D 11 18.87 23.58 17.37
N TYR D 12 19.10 22.39 16.83
CA TYR D 12 20.03 22.18 15.73
C TYR D 12 19.38 22.30 14.36
N VAL D 13 18.06 22.42 14.27
CA VAL D 13 17.33 22.15 13.03
C VAL D 13 16.38 23.31 12.72
N THR D 14 16.49 23.85 11.50
CA THR D 14 15.58 24.88 11.02
C THR D 14 14.25 24.27 10.61
N PRO D 15 13.23 25.09 10.37
CA PRO D 15 11.96 24.56 9.88
C PRO D 15 12.10 23.87 8.54
N VAL D 16 11.09 23.08 8.19
CA VAL D 16 11.05 22.44 6.88
C VAL D 16 10.98 23.49 5.78
N LYS D 17 11.75 23.26 4.73
CA LYS D 17 11.81 24.13 3.55
C LYS D 17 11.20 23.40 2.36
N ASN D 18 11.13 24.08 1.20
CA ASN D 18 10.52 23.46 0.02
C ASN D 18 11.37 23.80 -1.21
N GLN D 19 11.99 22.77 -1.80
CA GLN D 19 12.82 22.97 -2.98
C GLN D 19 12.01 23.32 -4.22
N GLY D 20 10.68 23.21 -4.18
CA GLY D 20 9.93 23.52 -5.39
C GLY D 20 10.16 22.49 -6.48
N GLN D 21 10.04 22.93 -7.74
CA GLN D 21 10.24 22.02 -8.87
C GLN D 21 11.64 22.20 -9.46
N CYS D 22 12.60 22.04 -8.57
CA CYS D 22 14.03 22.09 -8.88
C CYS D 22 14.69 20.91 -8.18
N GLY D 23 15.58 20.21 -8.90
CA GLY D 23 16.24 19.04 -8.36
C GLY D 23 17.39 19.39 -7.43
N SER D 24 17.12 20.26 -6.46
CA SER D 24 18.13 20.81 -5.57
C SER D 24 18.13 20.15 -4.19
N CYS D 25 17.54 18.96 -4.06
CA CYS D 25 17.49 18.28 -2.76
C CYS D 25 18.87 18.26 -2.09
N TRP D 26 19.93 18.02 -2.87
CA TRP D 26 21.27 17.94 -2.32
C TRP D 26 21.66 19.23 -1.60
N ALA D 27 21.19 20.37 -2.08
CA ALA D 27 21.53 21.62 -1.43
C ALA D 27 20.80 21.78 -0.10
N PHE D 28 19.55 21.30 -0.04
CA PHE D 28 18.81 21.35 1.22
C PHE D 28 19.38 20.37 2.24
N SER D 29 19.79 19.19 1.79
CA SER D 29 20.49 18.28 2.68
C SER D 29 21.76 18.91 3.23
N ALA D 30 22.54 19.55 2.35
CA ALA D 30 23.80 20.15 2.76
C ALA D 30 23.59 21.32 3.71
N THR D 31 22.65 22.21 3.41
CA THR D 31 22.44 23.31 4.35
C THR D 31 21.94 22.79 5.68
N GLY D 32 21.10 21.76 5.68
CA GLY D 32 20.63 21.23 6.95
C GLY D 32 21.77 20.71 7.82
N ALA D 33 22.69 19.97 7.23
CA ALA D 33 23.83 19.46 8.00
C ALA D 33 24.73 20.60 8.47
N LEU D 34 24.96 21.59 7.59
CA LEU D 34 25.80 22.71 7.99
C LEU D 34 25.11 23.59 9.03
N GLU D 35 23.79 23.76 8.94
CA GLU D 35 23.07 24.47 9.98
C GLU D 35 23.30 23.82 11.34
N GLY D 36 23.22 22.48 11.37
CA GLY D 36 23.44 21.77 12.61
C GLY D 36 24.85 21.95 13.14
N GLN D 37 25.86 21.84 12.26
CA GLN D 37 27.23 21.90 12.75
C GLN D 37 27.60 23.33 13.14
N MET D 38 27.07 24.32 12.44
CA MET D 38 27.30 25.70 12.86
C MET D 38 26.66 25.95 14.22
N PHE D 39 25.47 25.39 14.46
CA PHE D 39 24.87 25.53 15.78
C PHE D 39 25.74 24.90 16.85
N ARG D 40 26.24 23.70 16.57
CA ARG D 40 27.14 23.01 17.49
C ARG D 40 28.33 23.87 17.83
N LYS D 41 28.85 24.60 16.85
CA LYS D 41 30.05 25.41 17.03
C LYS D 41 29.78 26.70 17.78
N THR D 42 28.67 27.38 17.47
CA THR D 42 28.42 28.74 17.94
C THR D 42 27.23 28.88 18.88
N GLY D 43 26.33 27.91 18.94
CA GLY D 43 25.11 28.09 19.70
C GLY D 43 24.05 28.95 19.04
N ARG D 44 24.25 29.35 17.79
CA ARG D 44 23.27 30.12 17.05
C ARG D 44 22.82 29.34 15.82
N LEU D 45 21.51 29.18 15.68
CA LEU D 45 20.93 28.55 14.49
C LEU D 45 20.59 29.62 13.45
N ILE D 46 21.20 29.53 12.28
CA ILE D 46 20.95 30.48 11.20
C ILE D 46 20.66 29.70 9.93
N SER D 47 19.49 29.93 9.36
CA SER D 47 19.12 29.29 8.11
C SER D 47 20.07 29.69 6.97
N LEU D 48 20.51 28.72 6.19
CA LEU D 48 21.54 28.92 5.18
C LEU D 48 20.95 28.87 3.76
N SER D 49 21.66 29.47 2.81
CA SER D 49 21.14 29.68 1.46
C SER D 49 21.37 28.47 0.55
N GLU D 50 20.29 27.76 0.20
CA GLU D 50 20.37 26.75 -0.84
C GLU D 50 20.65 27.37 -2.19
N GLN D 51 20.10 28.56 -2.45
CA GLN D 51 20.31 29.22 -3.73
C GLN D 51 21.80 29.50 -3.96
N ASN D 52 22.50 29.94 -2.92
CA ASN D 52 23.96 30.09 -2.98
C ASN D 52 24.63 28.82 -3.49
N LEU D 53 24.21 27.66 -2.96
CA LEU D 53 24.80 26.42 -3.43
C LEU D 53 24.40 26.12 -4.88
N VAL D 54 23.12 26.32 -5.23
CA VAL D 54 22.67 26.00 -6.58
C VAL D 54 23.41 26.85 -7.61
N ASP D 55 23.61 28.14 -7.30
CA ASP D 55 24.19 29.07 -8.27
C ASP D 55 25.70 28.98 -8.36
N CYS D 56 26.38 28.54 -7.28
CA CYS D 56 27.79 28.79 -7.11
C CYS D 56 28.68 27.55 -7.02
N SER D 57 28.13 26.35 -6.74
CA SER D 57 28.98 25.20 -6.46
C SER D 57 29.17 24.30 -7.66
N GLY D 58 28.90 24.81 -8.88
CA GLY D 58 29.28 24.09 -10.07
C GLY D 58 30.73 23.68 -10.15
N PRO D 59 31.67 24.54 -9.76
CA PRO D 59 33.08 24.15 -9.91
C PRO D 59 33.44 22.92 -9.10
N GLN D 60 32.71 22.65 -8.03
CA GLN D 60 32.99 21.47 -7.24
C GLN D 60 32.28 20.23 -7.77
N GLY D 61 31.43 20.38 -8.79
CA GLY D 61 30.79 19.25 -9.45
C GLY D 61 29.28 19.27 -9.41
N ASN D 62 28.66 20.23 -8.74
CA ASN D 62 27.20 20.26 -8.68
C ASN D 62 26.60 20.80 -9.96
N GLU D 63 25.33 20.45 -10.19
CA GLU D 63 24.67 20.81 -11.44
C GLU D 63 23.32 21.46 -11.18
N GLY D 64 23.25 22.28 -10.13
CA GLY D 64 22.06 23.10 -9.91
C GLY D 64 20.80 22.27 -9.75
N CYS D 65 19.77 22.63 -10.51
CA CYS D 65 18.52 21.88 -10.46
C CYS D 65 18.61 20.52 -11.11
N ASN D 66 19.74 20.18 -11.74
CA ASN D 66 19.91 18.88 -12.35
C ASN D 66 20.64 17.90 -11.44
N GLY D 67 20.84 18.25 -10.18
CA GLY D 67 21.37 17.31 -9.21
C GLY D 67 22.73 17.74 -8.70
N GLY D 68 23.16 17.06 -7.65
CA GLY D 68 24.42 17.39 -7.02
C GLY D 68 24.72 16.42 -5.91
N LEU D 69 25.82 16.69 -5.20
CA LEU D 69 26.21 15.89 -4.05
C LEU D 69 26.39 16.80 -2.85
N MET D 70 25.96 16.33 -1.67
CA MET D 70 26.19 17.11 -0.48
C MET D 70 27.68 17.32 -0.22
N ASP D 71 28.51 16.30 -0.52
CA ASP D 71 29.94 16.48 -0.29
C ASP D 71 30.52 17.59 -1.17
N TYR D 72 30.01 17.72 -2.41
CA TYR D 72 30.44 18.81 -3.28
C TYR D 72 30.02 20.16 -2.71
N ALA D 73 28.85 20.21 -2.06
CA ALA D 73 28.44 21.44 -1.39
C ALA D 73 29.37 21.78 -0.22
N PHE D 74 29.72 20.79 0.62
CA PHE D 74 30.66 21.05 1.69
C PHE D 74 32.02 21.48 1.14
N GLN D 75 32.43 20.93 -0.01
CA GLN D 75 33.68 21.36 -0.63
C GLN D 75 33.60 22.80 -1.12
N TYR D 76 32.44 23.20 -1.66
CA TYR D 76 32.27 24.59 -2.08
C TYR D 76 32.42 25.54 -0.90
N VAL D 77 31.75 25.25 0.21
CA VAL D 77 31.85 26.15 1.36
C VAL D 77 33.29 26.29 1.80
N GLN D 78 34.04 25.19 1.80
CA GLN D 78 35.45 25.23 2.19
C GLN D 78 36.28 26.06 1.19
N ASP D 79 36.16 25.72 -0.11
CA ASP D 79 36.89 26.45 -1.14
C ASP D 79 36.55 27.94 -1.12
N ASN D 80 35.27 28.24 -0.97
CA ASN D 80 34.74 29.59 -1.07
C ASN D 80 35.02 30.41 0.17
N GLY D 81 35.29 29.75 1.30
CA GLY D 81 35.41 30.45 2.56
C GLY D 81 34.11 30.98 3.13
N GLY D 82 32.97 30.42 2.75
CA GLY D 82 31.73 30.91 3.33
C GLY D 82 30.50 30.45 2.57
N LEU D 83 29.36 30.75 3.19
CA LEU D 83 28.04 30.50 2.62
C LEU D 83 27.10 31.54 3.20
N ASP D 84 26.28 32.15 2.37
CA ASP D 84 25.39 33.20 2.78
C ASP D 84 24.17 32.66 3.52
N SER D 85 23.58 33.53 4.33
CA SER D 85 22.34 33.18 5.01
C SER D 85 21.18 33.06 4.03
N GLU D 86 20.20 32.25 4.41
CA GLU D 86 18.95 32.16 3.68
C GLU D 86 18.31 33.54 3.52
N GLU D 87 18.32 34.35 4.58
CA GLU D 87 17.68 35.67 4.51
C GLU D 87 18.34 36.55 3.46
N SER D 88 19.67 36.51 3.37
CA SER D 88 20.39 37.39 2.45
C SER D 88 20.35 36.90 1.01
N TYR D 89 20.11 35.61 0.79
CA TYR D 89 20.28 34.99 -0.53
C TYR D 89 19.15 33.99 -0.68
N PRO D 90 17.93 34.48 -0.86
CA PRO D 90 16.75 33.60 -0.73
C PRO D 90 16.59 32.64 -1.90
N TYR D 91 15.76 31.64 -1.67
CA TYR D 91 15.62 30.55 -2.61
C TYR D 91 14.64 30.89 -3.72
N GLU D 92 15.04 30.62 -4.96
CA GLU D 92 14.22 30.93 -6.14
C GLU D 92 13.79 29.71 -6.94
N ALA D 93 14.30 28.51 -6.62
CA ALA D 93 13.89 27.26 -7.26
C ALA D 93 14.27 27.21 -8.74
N THR D 94 15.31 27.91 -9.14
CA THR D 94 15.81 27.83 -10.50
C THR D 94 17.25 28.33 -10.48
N GLU D 95 18.08 27.77 -11.36
CA GLU D 95 19.51 28.09 -11.34
C GLU D 95 19.77 29.47 -11.95
N GLU D 96 20.64 30.23 -11.29
CA GLU D 96 21.00 31.56 -11.73
C GLU D 96 22.50 31.74 -11.51
N SER D 97 23.02 32.87 -11.98
CA SER D 97 24.43 33.15 -11.79
C SER D 97 24.73 33.41 -10.30
N CYS D 98 25.99 33.19 -9.94
N CYS D 98 25.98 33.15 -9.93
CA CYS D 98 26.40 33.24 -8.55
CA CYS D 98 26.42 33.32 -8.56
C CYS D 98 26.47 34.68 -8.04
C CYS D 98 26.30 34.77 -8.13
N LYS D 99 25.80 34.96 -6.91
CA LYS D 99 25.84 36.27 -6.28
C LYS D 99 26.28 36.18 -4.82
N TYR D 100 27.13 35.20 -4.51
CA TYR D 100 27.69 35.12 -3.17
C TYR D 100 28.28 36.45 -2.76
N ASN D 101 27.96 36.88 -1.54
CA ASN D 101 28.53 38.09 -0.95
C ASN D 101 29.15 37.71 0.39
N PRO D 102 30.47 37.83 0.55
CA PRO D 102 31.09 37.45 1.82
C PRO D 102 30.60 38.27 3.00
N LYS D 103 30.07 39.47 2.78
N LYS D 103 30.08 39.47 2.76
CA LYS D 103 29.56 40.26 3.89
CA LYS D 103 29.53 40.31 3.82
C LYS D 103 28.41 39.56 4.59
C LYS D 103 28.42 39.58 4.57
N TYR D 104 27.65 38.74 3.87
CA TYR D 104 26.50 38.06 4.42
C TYR D 104 26.78 36.58 4.71
N SER D 105 28.03 36.17 4.69
CA SER D 105 28.38 34.80 5.04
C SER D 105 28.15 34.56 6.52
N VAL D 106 27.51 33.45 6.85
CA VAL D 106 27.29 33.08 8.24
C VAL D 106 27.79 31.67 8.56
N ALA D 107 28.41 30.98 7.61
CA ALA D 107 28.91 29.63 7.84
C ALA D 107 30.22 29.41 7.10
N ASN D 108 30.94 28.38 7.54
CA ASN D 108 32.16 27.92 6.89
C ASN D 108 32.36 26.46 7.27
N ASP D 109 33.17 25.75 6.48
CA ASP D 109 33.60 24.43 6.90
C ASP D 109 34.97 24.17 6.31
N ALA D 110 35.61 23.13 6.84
CA ALA D 110 36.98 22.78 6.50
C ALA D 110 37.04 21.44 5.82
N GLY D 111 35.95 21.05 5.15
CA GLY D 111 35.87 19.75 4.53
C GLY D 111 34.70 18.96 5.07
N PHE D 112 34.79 17.64 4.99
CA PHE D 112 33.64 16.81 5.32
C PHE D 112 34.14 15.43 5.71
N VAL D 113 33.25 14.66 6.33
CA VAL D 113 33.51 13.29 6.75
C VAL D 113 32.46 12.39 6.12
N ASP D 114 32.91 11.37 5.40
CA ASP D 114 32.04 10.32 4.87
C ASP D 114 31.94 9.20 5.90
N ILE D 115 30.71 8.85 6.24
CA ILE D 115 30.47 7.81 7.26
C ILE D 115 30.53 6.43 6.62
N PRO D 116 31.13 5.43 7.28
CA PRO D 116 31.10 4.07 6.75
C PRO D 116 29.67 3.65 6.42
N LYS D 117 29.57 2.81 5.41
CA LYS D 117 28.28 2.43 4.81
C LYS D 117 27.52 1.37 5.57
N GLN D 118 27.22 1.64 6.80
CA GLN D 118 26.30 0.77 7.52
C GLN D 118 25.63 1.56 8.65
N GLU D 119 24.52 1.01 9.13
CA GLU D 119 23.63 1.78 9.99
C GLU D 119 24.12 1.92 11.42
N LYS D 120 25.03 1.06 11.84
CA LYS D 120 25.57 1.24 13.22
C LYS D 120 26.48 2.47 13.20
N ALA D 121 27.27 2.60 12.16
CA ALA D 121 28.11 3.78 12.02
C ALA D 121 27.26 5.03 11.84
N LEU D 122 26.18 4.93 11.06
CA LEU D 122 25.32 6.10 10.90
C LEU D 122 24.70 6.52 12.22
N MET D 123 24.24 5.54 13.02
CA MET D 123 23.65 5.90 14.31
C MET D 123 24.69 6.56 15.22
N LYS D 124 25.91 6.03 15.25
CA LYS D 124 26.95 6.64 16.07
C LYS D 124 27.20 8.09 15.66
N ALA D 125 27.22 8.35 14.35
CA ALA D 125 27.44 9.71 13.87
C ALA D 125 26.27 10.62 14.24
N VAL D 126 25.03 10.16 14.05
CA VAL D 126 23.89 10.97 14.43
C VAL D 126 23.94 11.30 15.91
N ALA D 127 24.32 10.30 16.73
CA ALA D 127 24.32 10.52 18.18
C ALA D 127 25.43 11.45 18.63
N THR D 128 26.58 11.44 17.96
CA THR D 128 27.75 12.16 18.47
C THR D 128 28.06 13.45 17.71
N VAL D 129 27.49 13.64 16.54
CA VAL D 129 27.84 14.76 15.67
C VAL D 129 26.68 15.75 15.56
N GLY D 130 25.49 15.26 15.26
CA GLY D 130 24.38 16.12 14.93
C GLY D 130 23.67 15.59 13.69
N PRO D 131 22.82 16.42 13.09
CA PRO D 131 22.12 15.98 11.87
C PRO D 131 23.12 15.61 10.77
N ILE D 132 22.79 14.56 10.02
CA ILE D 132 23.69 13.96 9.04
C ILE D 132 23.03 14.01 7.66
N SER D 133 23.80 14.46 6.65
CA SER D 133 23.31 14.40 5.27
C SER D 133 23.32 12.97 4.78
N VAL D 134 22.21 12.54 4.16
CA VAL D 134 22.10 11.19 3.61
C VAL D 134 21.38 11.25 2.27
N ALA D 135 21.57 10.21 1.46
CA ALA D 135 20.76 10.02 0.27
C ALA D 135 19.94 8.76 0.41
N ILE D 136 18.71 8.80 -0.11
CA ILE D 136 17.82 7.66 -0.06
C ILE D 136 17.23 7.40 -1.43
N ASP D 137 16.77 6.16 -1.61
CA ASP D 137 15.90 5.79 -2.73
C ASP D 137 14.49 6.27 -2.38
N ALA D 138 14.12 7.43 -2.91
CA ALA D 138 12.79 8.03 -2.75
C ALA D 138 11.95 7.90 -4.01
N GLY D 139 12.34 7.05 -4.95
CA GLY D 139 11.71 6.99 -6.26
C GLY D 139 10.54 6.03 -6.35
N HIS D 140 9.65 6.07 -5.36
CA HIS D 140 8.46 5.25 -5.36
C HIS D 140 7.26 6.11 -4.98
N GLU D 141 6.12 5.74 -5.54
CA GLU D 141 4.91 6.45 -5.23
C GLU D 141 4.57 6.38 -3.74
N SER D 142 4.95 5.28 -3.08
CA SER D 142 4.71 5.18 -1.64
C SER D 142 5.38 6.31 -0.89
N PHE D 143 6.52 6.79 -1.38
CA PHE D 143 7.22 7.89 -0.72
C PHE D 143 6.48 9.20 -0.94
N LEU D 144 6.00 9.43 -2.18
CA LEU D 144 5.19 10.61 -2.44
C LEU D 144 4.00 10.71 -1.51
N PHE D 145 3.35 9.58 -1.24
CA PHE D 145 2.07 9.55 -0.53
C PHE D 145 2.22 9.28 0.95
N TYR D 146 3.44 9.15 1.46
CA TYR D 146 3.68 8.86 2.86
C TYR D 146 2.95 9.86 3.78
N LYS D 147 2.27 9.34 4.80
CA LYS D 147 1.54 10.16 5.76
C LYS D 147 2.09 10.06 7.18
N GLU D 148 2.16 8.85 7.69
N GLU D 148 2.36 8.85 7.65
CA GLU D 148 2.68 8.63 9.07
CA GLU D 148 2.74 8.61 9.03
C GLU D 148 3.19 7.20 9.22
C GLU D 148 3.35 7.23 9.14
N GLY D 149 3.90 6.95 10.31
CA GLY D 149 4.45 5.64 10.58
C GLY D 149 5.84 5.46 10.01
N ILE D 150 6.32 4.23 10.05
CA ILE D 150 7.69 3.95 9.64
C ILE D 150 7.66 3.48 8.20
N TYR D 151 8.29 4.27 7.34
CA TYR D 151 8.31 3.99 5.91
C TYR D 151 9.11 2.73 5.61
N PHE D 152 8.48 1.75 4.99
CA PHE D 152 9.16 0.57 4.50
C PHE D 152 8.61 0.26 3.12
N GLU D 153 9.49 0.23 2.14
CA GLU D 153 9.08 0.03 0.74
C GLU D 153 9.76 -1.23 0.21
N PRO D 154 8.99 -2.29 -0.08
CA PRO D 154 9.65 -3.53 -0.54
C PRO D 154 10.62 -3.34 -1.68
N ASP D 155 10.34 -2.43 -2.61
CA ASP D 155 11.21 -2.28 -3.76
C ASP D 155 12.33 -1.26 -3.54
N CYS D 156 12.57 -0.84 -2.30
CA CYS D 156 13.61 0.14 -2.06
C CYS D 156 15.00 -0.43 -2.29
N SER D 157 15.88 0.39 -2.86
CA SER D 157 17.23 -0.02 -3.19
C SER D 157 18.21 0.57 -2.20
N SER D 158 19.22 -0.23 -1.85
N SER D 158 19.23 -0.22 -1.86
CA SER D 158 20.31 0.21 -0.99
CA SER D 158 20.28 0.26 -0.99
C SER D 158 21.49 0.75 -1.77
C SER D 158 21.47 0.80 -1.77
N GLU D 159 21.41 0.74 -3.10
CA GLU D 159 22.49 1.16 -3.97
C GLU D 159 22.14 2.33 -4.86
N ASP D 160 20.88 2.47 -5.25
CA ASP D 160 20.45 3.45 -6.24
C ASP D 160 19.61 4.50 -5.52
N MET D 161 20.29 5.43 -4.85
CA MET D 161 19.62 6.53 -4.17
C MET D 161 19.48 7.70 -5.14
N ASP D 162 18.41 8.47 -4.96
CA ASP D 162 18.12 9.58 -5.87
C ASP D 162 17.77 10.87 -5.15
N HIS D 163 17.86 10.91 -3.82
CA HIS D 163 17.25 12.02 -3.10
C HIS D 163 18.08 12.30 -1.86
N GLY D 164 18.57 13.54 -1.72
CA GLY D 164 19.32 13.93 -0.55
C GLY D 164 18.40 14.51 0.50
N VAL D 165 18.53 14.02 1.73
CA VAL D 165 17.70 14.45 2.86
C VAL D 165 18.57 14.52 4.10
N LEU D 166 17.96 14.70 5.27
CA LEU D 166 18.72 14.99 6.49
C LEU D 166 18.22 14.11 7.62
N VAL D 167 19.11 13.31 8.20
CA VAL D 167 18.76 12.55 9.40
C VAL D 167 18.95 13.44 10.61
N VAL D 168 17.87 13.69 11.35
CA VAL D 168 17.94 14.53 12.55
C VAL D 168 17.79 13.74 13.83
N GLY D 169 17.66 12.42 13.74
CA GLY D 169 17.50 11.60 14.92
C GLY D 169 17.04 10.21 14.53
N TYR D 170 16.60 9.47 15.55
CA TYR D 170 16.16 8.10 15.37
C TYR D 170 15.46 7.69 16.66
N GLY D 171 14.75 6.56 16.60
CA GLY D 171 14.09 6.08 17.79
C GLY D 171 13.32 4.82 17.49
N PHE D 172 12.26 4.57 18.27
CA PHE D 172 11.46 3.37 18.07
C PHE D 172 10.01 3.66 18.45
N GLU D 173 9.11 2.90 17.82
CA GLU D 173 7.69 2.87 18.15
C GLU D 173 7.34 1.56 18.84
N SER D 174 6.24 1.58 19.53
CA SER D 174 5.75 0.34 20.20
C SER D 174 6.72 -0.09 21.29
N THR D 175 6.59 -1.31 21.67
CA THR D 175 7.44 -1.94 22.67
C THR D 175 8.85 -2.04 22.11
N GLU D 176 9.81 -1.70 22.92
CA GLU D 176 11.20 -1.71 22.46
C GLU D 176 11.60 -3.08 21.91
N SER D 177 11.16 -4.16 22.55
CA SER D 177 11.57 -5.48 22.11
C SER D 177 11.02 -5.87 20.75
N ASP D 178 10.04 -5.10 20.23
CA ASP D 178 9.55 -5.34 18.88
C ASP D 178 10.53 -4.88 17.81
N ASN D 179 11.55 -4.09 18.17
CA ASN D 179 12.54 -3.62 17.20
C ASN D 179 11.88 -2.83 16.06
N ASN D 180 10.89 -2.03 16.44
CA ASN D 180 10.15 -1.20 15.50
C ASN D 180 10.85 0.15 15.40
N LYS D 181 11.97 0.15 14.70
CA LYS D 181 12.93 1.25 14.77
C LYS D 181 12.89 2.12 13.53
N TYR D 182 13.22 3.41 13.72
CA TYR D 182 13.19 4.32 12.58
C TYR D 182 14.28 5.37 12.68
N TRP D 183 14.64 5.89 11.51
CA TRP D 183 15.40 7.13 11.36
C TRP D 183 14.42 8.29 11.22
N LEU D 184 14.67 9.39 11.92
CA LEU D 184 13.85 10.59 11.79
C LEU D 184 14.49 11.50 10.74
N VAL D 185 13.78 11.72 9.64
CA VAL D 185 14.35 12.33 8.43
C VAL D 185 13.58 13.58 8.07
N LYS D 186 14.33 14.68 7.90
CA LYS D 186 13.80 15.95 7.38
C LYS D 186 13.86 15.95 5.87
N ASN D 187 12.72 16.15 5.22
CA ASN D 187 12.66 16.29 3.77
C ASN D 187 12.58 17.79 3.41
N SER D 188 12.64 18.07 2.11
CA SER D 188 12.59 19.46 1.64
C SER D 188 11.48 19.64 0.60
N TRP D 189 10.32 19.05 0.88
CA TRP D 189 9.16 19.13 0.01
C TRP D 189 8.01 19.89 0.68
N GLY D 190 8.33 20.74 1.65
CA GLY D 190 7.31 21.49 2.36
C GLY D 190 6.67 20.69 3.49
N GLU D 191 5.93 21.41 4.34
CA GLU D 191 5.36 20.75 5.52
C GLU D 191 4.06 20.01 5.21
N GLU D 192 3.48 20.20 4.03
CA GLU D 192 2.30 19.44 3.65
C GLU D 192 2.63 18.00 3.27
N TRP D 193 3.86 17.72 2.87
CA TRP D 193 4.28 16.35 2.60
C TRP D 193 4.56 15.61 3.90
N GLY D 194 4.21 14.32 3.93
CA GLY D 194 4.62 13.51 5.06
C GLY D 194 4.05 13.99 6.38
N MET D 195 4.86 13.86 7.42
N MET D 195 4.85 13.84 7.43
CA MET D 195 4.47 14.21 8.79
CA MET D 195 4.46 14.21 8.79
C MET D 195 5.06 15.58 9.10
C MET D 195 5.06 15.58 9.07
N GLY D 196 4.34 16.62 8.68
CA GLY D 196 4.88 17.97 8.78
C GLY D 196 6.17 18.16 8.02
N GLY D 197 6.37 17.40 6.94
CA GLY D 197 7.61 17.48 6.16
C GLY D 197 8.68 16.50 6.57
N TYR D 198 8.42 15.69 7.58
CA TYR D 198 9.32 14.67 8.08
C TYR D 198 8.81 13.27 7.72
N VAL D 199 9.73 12.32 7.71
CA VAL D 199 9.41 10.90 7.49
C VAL D 199 10.23 10.07 8.47
N LYS D 200 9.60 9.06 9.05
CA LYS D 200 10.31 8.06 9.81
C LYS D 200 10.66 6.92 8.86
N MET D 201 11.94 6.62 8.69
N MET D 201 11.95 6.67 8.66
CA MET D 201 12.39 5.66 7.70
CA MET D 201 12.44 5.67 7.69
C MET D 201 12.90 4.40 8.38
C MET D 201 12.87 4.40 8.42
N ALA D 202 12.56 3.25 7.82
CA ALA D 202 12.95 1.96 8.39
C ALA D 202 14.43 1.92 8.79
N LYS D 203 14.68 1.51 10.04
CA LYS D 203 16.01 1.45 10.62
C LYS D 203 16.39 0.01 10.98
N ASP D 204 17.65 -0.33 10.70
CA ASP D 204 18.25 -1.61 11.07
C ASP D 204 17.56 -2.74 10.31
N ARG D 205 17.25 -2.47 9.05
CA ARG D 205 16.78 -3.50 8.13
C ARG D 205 17.77 -3.57 6.96
N ARG D 206 19.03 -3.69 7.28
CA ARG D 206 20.08 -3.80 6.24
C ARG D 206 20.05 -2.62 5.26
N ASN D 207 20.09 -1.45 5.81
CA ASN D 207 20.32 -0.25 5.02
C ASN D 207 19.16 0.01 4.05
N HIS D 208 17.95 0.01 4.60
CA HIS D 208 16.76 0.16 3.78
C HIS D 208 16.77 1.49 3.04
N CYS D 209 16.51 1.45 1.74
CA CYS D 209 16.51 2.62 0.86
C CYS D 209 17.87 3.29 0.79
N GLY D 210 18.92 2.64 1.28
CA GLY D 210 20.26 3.15 1.11
C GLY D 210 20.61 4.31 2.02
N ILE D 211 19.90 4.48 3.14
CA ILE D 211 20.09 5.65 3.99
C ILE D 211 21.51 5.76 4.53
N ALA D 212 22.23 4.64 4.67
CA ALA D 212 23.61 4.65 5.15
C ALA D 212 24.65 4.63 4.03
N SER D 213 24.21 4.66 2.76
CA SER D 213 25.11 4.45 1.65
C SER D 213 25.89 5.70 1.25
N ALA D 214 25.38 6.89 1.57
CA ALA D 214 26.01 8.14 1.16
C ALA D 214 25.78 9.18 2.25
N ALA D 215 26.21 8.86 3.46
CA ALA D 215 25.99 9.70 4.62
C ALA D 215 27.27 10.49 4.91
N SER D 216 27.10 11.77 5.20
CA SER D 216 28.28 12.60 5.48
C SER D 216 27.86 13.81 6.28
N TYR D 217 28.86 14.54 6.77
CA TYR D 217 28.60 15.81 7.43
C TYR D 217 29.81 16.71 7.25
N PRO D 218 29.63 18.02 7.38
CA PRO D 218 30.75 18.94 7.21
C PRO D 218 31.54 19.10 8.50
N THR D 219 32.83 19.33 8.34
N THR D 219 32.83 19.35 8.31
CA THR D 219 33.72 19.57 9.48
CA THR D 219 33.76 19.63 9.39
C THR D 219 33.86 21.08 9.66
C THR D 219 33.81 21.14 9.62
N VAL D 220 33.42 21.57 10.82
CA VAL D 220 33.46 23.03 11.14
C VAL D 220 34.45 23.25 12.28
C39 D1R E . -23.26 -2.10 26.91
C40 D1R E . -24.76 -2.37 26.99
N4 D1R E . -25.22 -3.49 26.17
C33 D1R E . -26.47 -3.98 26.71
C49 D1R E . -24.29 -4.58 26.11
C48 D1R E . -22.91 -4.17 25.65
N3 D1R E . -22.58 -2.79 25.79
C8 D1R E . -21.67 -2.18 25.00
O2 D1R E . -21.19 -1.15 25.35
N1 D1R E . -21.22 -2.72 23.85
C9 D1R E . -20.34 -2.02 22.97
C10 D1R E . -19.95 -2.84 21.73
C11 D1R E . -19.64 -4.28 22.00
C12 D1R E . -20.20 -5.30 21.31
C13 D1R E . -19.83 -6.59 21.58
C14 D1R E . -18.93 -6.91 22.57
C15 D1R E . -18.38 -5.88 23.26
C16 D1R E . -18.73 -4.57 22.94
C17 D1R E . -20.98 -0.73 22.52
O3 D1R E . -22.13 -0.69 22.35
N2 D1R E . -20.18 0.29 22.30
C18 D1R E . -20.67 1.58 21.94
C19 D1R E . -20.38 2.52 23.10
C20 D1R E . -21.43 2.43 24.23
C21 D1R E . -21.24 3.45 25.32
C22 D1R E . -21.79 4.70 25.23
C23 D1R E . -21.63 5.65 26.24
C24 D1R E . -20.88 5.32 27.33
C25 D1R E . -20.34 4.07 27.43
C26 D1R E . -20.51 3.12 26.42
C27 D1R E . -20.03 2.19 20.64
C28 D1R E . -18.54 2.45 20.76
S1 D1R E . -18.15 4.04 20.52
O4 D1R E . -19.07 4.88 21.08
O5 D1R E . -18.06 4.40 19.22
CAB D1R E . -16.68 4.38 21.05
CAA D1R E . -16.29 5.67 21.28
CAC D1R E . -14.99 5.93 21.75
CAE D1R E . -14.11 4.86 21.96
CAF D1R E . -14.50 3.62 21.69
CAD D1R E . -15.79 3.41 21.23
O1 PG4 F . -38.78 9.14 8.89
C1 PG4 F . -38.37 8.30 9.95
C2 PG4 F . -39.38 7.28 10.37
O2 PG4 F . -39.12 6.09 9.70
C3 PG4 F . -40.03 5.10 9.28
C4 PG4 F . -40.85 5.57 8.11
O3 PG4 F . -40.75 4.72 7.01
C5 PG4 F . -41.34 5.25 5.81
C6 PG4 F . -40.73 6.60 5.64
O4 PG4 F . -40.55 7.10 4.34
C7 PG4 F . -40.08 8.42 4.49
C8 PG4 F . -38.70 8.38 5.11
O5 PG4 F . -38.24 9.59 5.70
C1 EDO G . -48.99 -2.97 -0.96
O1 EDO G . -49.27 -1.69 -1.58
C2 EDO G . -47.83 -3.64 -1.70
O2 EDO G . -46.60 -3.40 -1.03
H11 EDO G . -48.73 -2.82 0.09
H12 EDO G . -49.88 -3.60 -1.00
HO1 EDO G . -49.77 -1.14 -0.96
H21 EDO G . -48.02 -4.72 -1.75
H22 EDO G . -47.79 -3.26 -2.73
HO2 EDO G . -45.94 -4.05 -1.32
C1 EDO H . -25.46 12.18 12.62
O1 EDO H . -24.48 11.30 12.05
C2 EDO H . -26.75 12.14 11.80
O2 EDO H . -27.61 13.20 12.22
H11 EDO H . -25.67 11.87 13.65
H12 EDO H . -25.07 13.20 12.65
HO1 EDO H . -23.63 11.46 12.47
H21 EDO H . -26.51 12.26 10.74
H22 EDO H . -27.24 11.17 11.93
HO2 EDO H . -28.04 13.60 11.45
C1 EDO I . -26.86 -16.25 3.16
O1 EDO I . -26.76 -14.94 2.60
C2 EDO I . -26.72 -17.26 2.03
O2 EDO I . -27.33 -16.70 0.86
H11 EDO I . -26.06 -16.40 3.89
H12 EDO I . -27.81 -16.37 3.67
HO1 EDO I . -27.51 -14.39 2.91
H21 EDO I . -25.66 -17.47 1.84
H22 EDO I . -27.20 -18.20 2.30
HO2 EDO I . -27.45 -17.38 0.19
C1 PEG J . -25.63 7.22 5.86
O1 PEG J . -26.26 7.19 4.62
C2 PEG J . -26.63 7.03 6.97
O2 PEG J . -26.00 6.34 8.04
C3 PEG J . -25.85 7.01 9.22
C4 PEG J . -24.63 7.95 9.35
O4 PEG J . -24.10 8.26 8.12
H11 PEG J . -24.88 6.43 5.91
H12 PEG J . -25.12 8.17 6.00
HO1 PEG J . -27.14 6.78 4.70
H21 PEG J . -26.99 8.01 7.32
H22 PEG J . -27.50 6.47 6.62
H31 PEG J . -26.74 7.59 9.41
H32 PEG J . -25.79 6.27 10.03
H41 PEG J . -24.94 8.87 9.86
H42 PEG J . -23.87 7.47 9.97
HO4 PEG J . -23.14 8.43 8.21
C1 EDO K . -43.56 -11.14 11.52
O1 EDO K . -42.91 -11.44 12.77
C2 EDO K . -44.15 -9.74 11.52
O2 EDO K . -45.52 -9.80 11.97
H11 EDO K . -42.83 -11.23 10.71
H12 EDO K . -44.36 -11.87 11.34
HO1 EDO K . -43.24 -10.84 13.45
H21 EDO K . -43.57 -9.09 12.18
H22 EDO K . -44.11 -9.32 10.51
HO2 EDO K . -46.02 -10.36 11.37
C1 PEG L . -15.55 10.00 18.24
O1 PEG L . -14.38 10.49 18.88
C2 PEG L . -16.35 9.14 19.16
O2 PEG L . -17.62 8.96 18.56
C3 PEG L . -18.51 8.17 19.35
C4 PEG L . -19.20 9.00 20.39
O4 PEG L . -19.56 8.19 21.49
H11 PEG L . -16.15 10.83 17.88
H12 PEG L . -15.26 9.42 17.35
HO1 PEG L . -14.17 9.86 19.63
H21 PEG L . -15.85 8.19 19.33
H22 PEG L . -16.44 9.63 20.13
H31 PEG L . -19.24 7.68 18.71
H32 PEG L . -17.95 7.36 19.82
H41 PEG L . -18.58 9.80 20.80
H42 PEG L . -20.12 9.46 20.05
HO4 PEG L . -19.50 8.76 22.31
S DMS M . -38.68 -9.74 22.64
O DMS M . -39.60 -9.15 23.65
C1 DMS M . -37.15 -10.26 23.46
C2 DMS M . -39.33 -11.36 22.14
H11 DMS M . -37.02 -9.72 24.36
H12 DMS M . -36.32 -10.08 22.81
H13 DMS M . -37.20 -11.29 23.68
H21 DMS M . -39.24 -11.47 21.08
H22 DMS M . -40.35 -11.43 22.42
H23 DMS M . -38.78 -12.12 22.62
C39 D1R N . 0.10 -24.90 7.93
C40 D1R N . 0.94 -24.79 9.25
N4 D1R N . 1.39 -23.44 9.62
C33 D1R N . 2.65 -23.21 10.39
C49 D1R N . 1.36 -22.55 8.55
C48 D1R N . 1.30 -23.03 7.10
N3 D1R N . 0.86 -24.36 6.78
C8 D1R N . 1.18 -24.89 5.49
O2 D1R N . 0.83 -25.93 5.12
N1 D1R N . 1.98 -24.11 4.61
C9 D1R N . 2.32 -24.72 3.33
C10 D1R N . 3.21 -23.83 2.47
C11 D1R N . 2.64 -22.45 2.27
C12 D1R N . 3.42 -21.35 2.41
C13 D1R N . 2.98 -20.07 2.24
C14 D1R N . 1.67 -19.85 1.90
C15 D1R N . 0.88 -20.96 1.74
C16 D1R N . 1.35 -22.24 1.91
C17 D1R N . 3.18 -25.95 3.63
O3 D1R N . 3.89 -25.98 4.54
N2 D1R N . 3.12 -27.05 2.73
C18 D1R N . 3.87 -28.23 2.91
C19 D1R N . 2.85 -29.37 3.16
C20 D1R N . 2.44 -29.34 4.62
C21 D1R N . 1.39 -30.40 4.92
C22 D1R N . 1.78 -31.42 5.69
C23 D1R N . 0.88 -32.39 5.97
C24 D1R N . -0.42 -32.33 5.49
C25 D1R N . -0.78 -31.29 4.70
C26 D1R N . 0.15 -30.30 4.40
C27 D1R N . 4.70 -28.64 1.73
C28 D1R N . 3.91 -28.74 0.44
S1 D1R N . 4.07 -30.50 -0.06
O4 D1R N . 4.14 -31.25 1.05
O5 D1R N . 5.21 -30.65 -0.76
CAB D1R N . 2.78 -30.94 -1.21
CAA D1R N . 2.45 -32.25 -1.38
CAC D1R N . 1.49 -32.53 -2.32
CAE D1R N . 0.90 -31.54 -3.07
CAF D1R N . 1.27 -30.27 -2.87
CAD D1R N . 2.22 -29.96 -1.97
C1 PGE O . 3.86 -36.17 -3.21
O1 PGE O . 2.59 -35.58 -2.96
C2 PGE O . 4.94 -35.12 -3.08
O2 PGE O . 4.94 -34.66 -1.74
C3 PGE O . 6.12 -34.97 -1.01
C4 PGE O . 5.92 -34.56 0.43
O4 PGE O . 2.33 -34.76 3.38
C6 PGE O . 3.02 -34.19 2.28
C5 PGE O . 4.40 -34.81 2.23
O3 PGE O . 4.70 -35.12 0.89
H1 PGE O . 4.09 -36.98 -2.50
H12 PGE O . 3.93 -36.60 -4.22
HO1 PGE O . 2.33 -35.09 -3.75
H2 PGE O . 5.91 -35.54 -3.37
H22 PGE O . 4.72 -34.29 -3.78
H3 PGE O . 6.34 -36.06 -1.06
H32 PGE O . 6.99 -34.44 -1.43
H4 PGE O . 6.76 -34.91 1.03
H42 PGE O . 5.89 -33.46 0.49
HO4 PGE O . 2.10 -34.07 3.99
H6 PGE O . 3.13 -33.10 2.40
H62 PGE O . 2.51 -34.39 1.32
H5 PGE O . 4.41 -35.71 2.87
H52 PGE O . 5.13 -34.10 2.65
C1 EDO P . 16.39 -38.28 3.91
O1 EDO P . 17.69 -38.80 4.20
C2 EDO P . 16.34 -37.93 2.42
O2 EDO P . 15.06 -37.39 2.09
H11 EDO P . 15.62 -39.00 4.15
H12 EDO P . 16.20 -37.38 4.51
HO1 EDO P . 18.21 -38.14 4.67
H21 EDO P . 17.13 -37.21 2.19
H22 EDO P . 16.52 -38.84 1.83
HO2 EDO P . 14.37 -37.95 2.45
C1 EDO Q . 24.38 -30.67 14.21
O1 EDO Q . 25.42 -31.51 14.74
C2 EDO Q . 23.76 -31.37 13.02
O2 EDO Q . 23.41 -32.72 13.37
H11 EDO Q . 23.63 -30.49 14.98
H12 EDO Q . 24.80 -29.71 13.91
HO1 EDO Q . 25.97 -31.00 15.35
H21 EDO Q . 22.87 -30.83 12.69
H22 EDO Q . 24.46 -31.38 12.19
HO2 EDO Q . 23.41 -33.27 12.59
S DMS R . 21.26 -7.80 -7.80
O DMS R . 21.98 -7.30 -6.58
C1 DMS R . 22.42 -8.31 -9.09
C2 DMS R . 20.48 -9.39 -7.41
H11 DMS R . 22.89 -7.45 -9.51
H12 DMS R . 21.91 -8.85 -9.84
H13 DMS R . 23.17 -8.93 -8.67
H21 DMS R . 19.46 -9.23 -7.18
H22 DMS R . 20.97 -9.82 -6.58
H23 DMS R . 20.57 -10.04 -8.24
C1 EDO S . 19.76 -12.81 -13.88
O1 EDO S . 20.04 -11.49 -14.34
C2 EDO S . 20.27 -13.82 -14.89
O2 EDO S . 19.39 -13.89 -16.01
H11 EDO S . 20.23 -12.97 -12.91
H12 EDO S . 18.68 -12.93 -13.75
HO1 EDO S . 19.26 -11.13 -14.78
H21 EDO S . 21.27 -13.55 -15.22
H22 EDO S . 20.34 -14.82 -14.41
HO2 EDO S . 19.35 -13.02 -16.44
C1 EDO T . 4.94 -36.32 7.54
O1 EDO T . 4.93 -35.24 6.60
C2 EDO T . 6.35 -36.86 7.75
O2 EDO T . 6.62 -36.96 9.17
H11 EDO T . 4.53 -35.98 8.50
H12 EDO T . 4.29 -37.13 7.17
HO1 EDO T . 4.28 -34.57 6.88
H21 EDO T . 6.44 -37.85 7.30
H22 EDO T . 7.07 -36.20 7.28
HO2 EDO T . 7.34 -37.58 9.32
C1 EDO U . 1.51 -1.47 -10.87
O1 EDO U . 1.18 -2.79 -11.03
C2 EDO U . 2.93 -1.24 -11.28
O2 EDO U . 3.05 -0.26 -12.21
H11 EDO U . 0.85 -0.84 -11.47
H12 EDO U . 1.38 -1.18 -9.83
HO1 EDO U . 0.45 -3.02 -10.43
H21 EDO U . 3.52 -0.97 -10.40
H22 EDO U . 3.34 -2.17 -11.69
HO2 EDO U . 3.19 -0.66 -13.08
S DMS V . 16.14 -3.74 -4.46
O DMS V . 17.16 -4.27 -3.49
C1 DMS V . 16.16 -4.87 -5.86
C2 DMS V . 14.49 -4.15 -3.84
H11 DMS V . 16.52 -5.81 -5.55
H12 DMS V . 16.78 -4.49 -6.63
H13 DMS V . 15.17 -4.99 -6.23
H21 DMS V . 14.45 -3.98 -2.80
H22 DMS V . 14.29 -5.17 -4.04
H23 DMS V . 13.77 -3.55 -4.32
C39 D1R W . -2.03 12.55 -24.84
C40 D1R W . -2.15 11.39 -25.86
N4 D1R W . -3.27 11.50 -26.75
C33 D1R W . -3.75 10.26 -27.29
C49 D1R W . -4.45 12.08 -26.18
C48 D1R W . -4.38 12.78 -24.85
N3 D1R W . -3.24 12.62 -24.02
C8 D1R W . -3.25 12.63 -22.58
O2 D1R W . -2.26 12.58 -21.99
N1 D1R W . -4.48 12.69 -21.86
C9 D1R W . -4.45 12.68 -20.43
C10 D1R W . -5.83 12.75 -19.78
C11 D1R W . -6.69 13.83 -20.40
C12 D1R W . -7.94 13.53 -20.80
C13 D1R W . -8.76 14.48 -21.35
C14 D1R W . -8.30 15.76 -21.50
C15 D1R W . -7.04 16.06 -21.09
C16 D1R W . -6.23 15.08 -20.52
C17 D1R W . -3.81 11.34 -20.01
O3 D1R W . -3.94 10.37 -20.61
N2 D1R W . -3.08 11.37 -18.77
C18 D1R W . -2.38 10.23 -18.25
C19 D1R W . -0.88 10.51 -18.34
C20 D1R W . -0.36 10.36 -19.78
C21 D1R W . 1.15 10.62 -19.92
C22 D1R W . 2.01 9.57 -19.79
C23 D1R W . 3.37 9.76 -19.89
C24 D1R W . 3.87 10.99 -20.19
C25 D1R W . 3.00 12.04 -20.34
C26 D1R W . 1.62 11.87 -20.21
C27 D1R W . -2.80 9.93 -16.80
C28 D1R W . -2.45 11.07 -15.86
S1 D1R W . -1.21 10.42 -14.65
O4 D1R W . -0.27 9.58 -15.27
O5 D1R W . -1.84 9.68 -13.69
CAB D1R W . -0.47 11.79 -13.78
CAA D1R W . 0.73 11.63 -13.14
CAC D1R W . 1.20 12.73 -12.48
CAE D1R W . 0.55 13.91 -12.48
CAF D1R W . -0.62 14.03 -13.11
CAD D1R W . -1.13 12.96 -13.79
C1 PEG X . -31.40 1.26 -11.04
O1 PEG X . -30.48 1.46 -9.96
C2 PEG X . -31.44 -0.18 -11.43
O2 PEG X . -32.15 -0.28 -12.65
C3 PEG X . -32.20 -1.60 -13.16
C4 PEG X . -33.21 -2.42 -12.40
O4 PEG X . -32.98 -3.80 -12.63
H11 PEG X . -32.38 1.59 -10.74
H12 PEG X . -31.10 1.88 -11.89
HO1 PEG X . -30.95 1.20 -9.12
H21 PEG X . -30.43 -0.57 -11.54
H22 PEG X . -31.91 -0.77 -10.66
H31 PEG X . -32.45 -1.59 -14.22
H32 PEG X . -31.21 -2.06 -13.09
H41 PEG X . -33.16 -2.29 -11.32
H42 PEG X . -34.24 -2.23 -12.70
HO4 PEG X . -32.49 -3.88 -13.49
S DMS Y . -11.63 1.88 -35.91
O DMS Y . -10.66 1.48 -36.99
C1 DMS Y . -11.47 3.66 -35.59
C2 DMS Y . -13.33 1.83 -36.57
H11 DMS Y . -12.03 3.91 -34.73
H12 DMS Y . -11.84 4.20 -36.42
H13 DMS Y . -10.45 3.89 -35.43
H21 DMS Y . -13.68 0.83 -36.56
H22 DMS Y . -13.33 2.19 -37.56
H23 DMS Y . -13.96 2.42 -35.97
C1 EDO Z . -7.92 -11.60 -20.82
O1 EDO Z . -6.48 -11.58 -20.86
C2 EDO Z . -8.42 -12.23 -22.12
O2 EDO Z . -9.32 -13.32 -21.84
H11 EDO Z . -8.27 -12.18 -19.96
H12 EDO Z . -8.30 -10.59 -20.73
HO1 EDO Z . -6.17 -10.76 -21.27
H21 EDO Z . -8.93 -11.48 -22.72
H22 EDO Z . -7.57 -12.60 -22.70
HO2 EDO Z . -9.25 -13.99 -22.52
S DMS AA . -11.78 15.53 -24.46
O DMS AA . -12.05 14.33 -25.17
C1 DMS AA . -10.40 16.17 -25.19
C2 DMS AA . -12.99 16.67 -24.78
H11 DMS AA . -9.58 15.52 -25.04
H12 DMS AA . -10.19 17.12 -24.76
H13 DMS AA . -10.57 16.29 -26.23
H21 DMS AA . -13.57 16.34 -25.60
H22 DMS AA . -12.53 17.59 -25.01
H23 DMS AA . -13.60 16.78 -23.93
C1 PEG BA . 1.05 8.90 -9.53
O1 PEG BA . 1.71 10.04 -9.16
C2 PEG BA . 1.62 8.64 -10.83
O2 PEG BA . 0.78 7.79 -11.50
C3 PEG BA . 1.00 7.90 -12.87
C4 PEG BA . 2.37 7.53 -13.23
O4 PEG BA . 2.46 7.66 -14.61
H11 PEG BA . 1.25 8.07 -8.84
H12 PEG BA . -0.03 9.06 -9.60
HO1 PEG BA . 2.37 9.83 -8.48
H21 PEG BA . 1.73 9.58 -11.38
H22 PEG BA . 2.61 8.18 -10.73
H31 PEG BA . 0.30 7.25 -13.40
H32 PEG BA . 0.81 8.93 -13.18
H41 PEG BA . 3.09 8.19 -12.74
H42 PEG BA . 2.57 6.50 -12.92
HO4 PEG BA . 3.40 7.64 -14.87
C39 D1R CA . 23.57 13.71 -10.55
C40 D1R CA . 24.33 15.05 -10.82
N4 D1R CA . 25.70 15.04 -10.35
C33 D1R CA . 26.32 16.31 -9.99
C49 D1R CA . 25.85 14.10 -9.28
C48 D1R CA . 24.62 13.71 -8.47
N3 D1R CA . 23.37 13.63 -9.10
C8 D1R CA . 22.14 13.45 -8.35
O2 D1R CA . 21.11 13.34 -8.84
N1 D1R CA . 22.21 13.43 -6.93
C9 D1R CA . 20.97 13.31 -6.21
C10 D1R CA . 21.21 13.24 -4.68
C11 D1R CA . 22.19 12.16 -4.27
C12 D1R CA . 23.23 12.44 -3.44
C13 D1R CA . 24.12 11.47 -3.06
C14 D1R CA . 23.96 10.18 -3.48
C15 D1R CA . 22.90 9.91 -4.30
C16 D1R CA . 22.01 10.88 -4.68
C17 D1R CA . 20.20 14.61 -6.50
O3 D1R CA . 20.69 15.62 -6.60
N2 D1R CA . 18.79 14.47 -6.53
C18 D1R CA . 17.93 15.60 -6.81
C19 D1R CA . 17.24 15.33 -8.17
C20 D1R CA . 18.21 15.57 -9.33
C21 D1R CA . 17.53 15.27 -10.66
C22 D1R CA . 17.01 16.29 -11.39
C23 D1R CA . 16.38 16.02 -12.59
C24 D1R CA . 16.25 14.73 -13.02
C25 D1R CA . 16.77 13.73 -12.27
C26 D1R CA . 17.38 13.99 -11.08
C27 D1R CA . 16.87 15.90 -5.78
C28 D1R CA . 15.94 14.69 -5.58
S1 D1R CA . 14.23 15.29 -5.90
O4 D1R CA . 14.24 16.11 -7.01
O5 D1R CA . 13.78 15.93 -4.80
CAB D1R CA . 13.10 13.89 -6.07
CAA D1R CA . 11.90 14.08 -6.65
CAC D1R CA . 11.10 12.97 -6.76
CAE D1R CA . 11.48 11.74 -6.26
CAF D1R CA . 12.67 11.62 -5.67
CAD D1R CA . 13.47 12.71 -5.57
C1 PEG DA . 22.93 39.32 -1.67
O1 PEG DA . 23.17 39.59 -0.30
C2 PEG DA . 23.53 38.02 -2.09
O2 PEG DA . 22.46 37.15 -2.44
C3 PEG DA . 21.86 37.49 -3.69
C4 PEG DA . 20.40 37.82 -3.55
O4 PEG DA . 19.79 37.91 -4.83
H11 PEG DA . 21.85 39.30 -1.85
H12 PEG DA . 23.34 40.12 -2.28
HO1 PEG DA . 23.77 40.38 -0.25
H21 PEG DA . 24.22 38.16 -2.93
H22 PEG DA . 24.12 37.59 -1.28
H31 PEG DA . 22.40 38.33 -4.13
H32 PEG DA . 21.98 36.66 -4.38
H41 PEG DA . 19.83 37.08 -2.99
H42 PEG DA . 20.22 38.79 -3.07
HO4 PEG DA . 20.18 37.18 -5.39
S DMS EA . 37.29 25.03 -7.19
O DMS EA . 37.22 23.59 -7.63
C1 DMS EA . 38.88 25.38 -6.40
C2 DMS EA . 37.36 26.10 -8.65
H11 DMS EA . 39.27 24.49 -5.97
H12 DMS EA . 38.74 26.11 -5.64
H13 DMS EA . 39.57 25.75 -7.12
H21 DMS EA . 36.52 25.91 -9.27
H22 DMS EA . 38.25 25.90 -9.19
H23 DMS EA . 37.35 27.11 -8.35
C1 PGE FA . 8.70 26.81 -2.48
O1 PGE FA . 7.91 26.03 -3.37
C2 PGE FA . 9.97 27.27 -3.18
O2 PGE FA . 9.67 28.49 -3.84
C3 PGE FA . 10.52 29.58 -3.51
C4 PGE FA . 10.25 30.69 -4.52
O4 PGE FA . 8.12 30.05 -8.68
C6 PGE FA . 8.97 29.54 -7.67
C5 PGE FA . 9.39 30.66 -6.74
O3 PGE FA . 10.32 30.13 -5.81
H1 PGE FA . 8.16 27.71 -2.14
H12 PGE FA . 8.99 26.24 -1.59
HO1 PGE FA . 7.05 25.90 -2.96
H2 PGE FA . 10.77 27.41 -2.43
H22 PGE FA . 10.30 26.50 -3.89
H3 PGE FA . 10.31 29.95 -2.50
H32 PGE FA . 11.58 29.29 -3.56
H4 PGE FA . 9.26 31.14 -4.33
H42 PGE FA . 11.00 31.49 -4.39
HO4 PGE FA . 8.45 30.92 -8.95
H6 PGE FA . 9.89 29.09 -8.10
H62 PGE FA . 8.47 28.76 -7.07
H5 PGE FA . 8.50 31.07 -6.23
H52 PGE FA . 9.83 31.48 -7.33
C1 EDO GA . 31.66 34.57 -9.85
O1 EDO GA . 31.25 33.79 -8.72
C2 EDO GA . 30.56 35.57 -10.17
O2 EDO GA . 29.52 34.85 -10.84
H11 EDO GA . 32.59 35.09 -9.64
H12 EDO GA . 31.83 33.92 -10.71
HO1 EDO GA . 31.72 32.94 -8.72
H21 EDO GA . 30.18 36.03 -9.25
H22 EDO GA . 30.95 36.38 -10.81
HO2 EDO GA . 29.29 35.31 -11.66
C1 PGE HA . 12.04 17.72 -10.24
O1 PGE HA . 12.35 16.33 -10.18
C2 PGE HA . 12.09 18.32 -8.85
O2 PGE HA . 11.20 17.62 -8.00
C3 PGE HA . 11.35 17.99 -6.64
C4 PGE HA . 9.98 18.08 -6.02
O4 PGE HA . 7.54 14.97 -7.26
C6 PGE HA . 7.63 15.28 -5.87
C5 PGE HA . 8.08 16.71 -5.72
O3 PGE HA . 9.48 16.76 -5.86
H1 PGE HA . 12.76 18.26 -10.86
H12 PGE HA . 11.03 17.89 -10.65
HO1 PGE HA . 11.70 15.85 -10.71
H2 PGE HA . 13.12 18.27 -8.46
H22 PGE HA . 11.80 19.38 -8.91
H3 PGE HA . 11.95 17.24 -6.10
H32 PGE HA . 11.85 18.96 -6.56
H4 PGE HA . 10.06 18.58 -5.04
H42 PGE HA . 9.33 18.68 -6.66
HO4 PGE HA . 8.31 14.47 -7.51
H6 PGE HA . 8.35 14.62 -5.36
H62 PGE HA . 6.66 15.16 -5.37
H5 PGE HA . 7.77 17.08 -4.74
H52 PGE HA . 7.59 17.33 -6.49
C1 EDO IA . 32.93 12.58 -1.56
O1 EDO IA . 33.98 11.61 -1.35
C2 EDO IA . 33.02 13.21 -2.95
O2 EDO IA . 34.05 14.21 -2.97
H11 EDO IA . 31.97 12.10 -1.44
H12 EDO IA . 33.02 13.37 -0.81
HO1 EDO IA . 34.46 11.83 -0.54
H21 EDO IA . 33.25 12.43 -3.68
H22 EDO IA . 32.07 13.65 -3.21
HO2 EDO IA . 34.01 14.73 -2.16
#